data_7QFW
#
_entry.id   7QFW
#
_cell.length_a   1.00
_cell.length_b   1.00
_cell.length_c   1.00
_cell.angle_alpha   90.00
_cell.angle_beta   90.00
_cell.angle_gamma   90.00
#
_symmetry.space_group_name_H-M   'P 1'
#
loop_
_entity.id
_entity.type
_entity.pdbx_description
1 polymer 'Condensin complex subunit 3'
2 polymer 'Condensin complex subunit 2'
3 polymer 'Synthetic DNA ligand'
4 polymer 'synthetic DNA ligand'
#
loop_
_entity_poly.entity_id
_entity_poly.type
_entity_poly.pdbx_seq_one_letter_code
_entity_poly.pdbx_strand_id
1 'polypeptide(L)'
;MQDPDGIDINTKIFNSVAEVFQKAQGSYAGHRKHIAVLKKIQSKAVEQGYEDAFNFWFDKLVTKILPLKKNEIIGDRIVK
LVAAFIASLERELILAKKQNYKLTNDEEGIFSRFVDQFIRHVLRGVESPDKNVRFRVLQLLAVIMDNIGEIDESLFNLLI
LSLNKRIYDREPTVRIQAVFCLTKFQDEEQTEHLTELSDNEENFEATRTLVASIQNDPSAEVRRAAMLNLINDNNTRPYI
LERARDVNIVNRRLVYSRILKSMGRKCFDDIEPHIFDQLIEWGLEDRELSVRNACKRLIAHDWLNALDGDLIELLEKLDV
SRSSVCVKAIEALFQSRPDILSKIKFPESIWKDFTVEIAFLFRAIYLYCLDNNITEMLEENFPEASKLSEHLNHYILLRY
HHNDISNDSQSHFDYNTLEFIIEQLSIAAERYDYSDEVGRRSMLTVVRNMLALTTLSEPLIKIGIRVMKSLSINEKDFVT
MAIEIINDIRDDDIEKQEQEEKIKSKKINRRNETSVDEEDENGTHNDEVNEDEEDDNISSFHSAVENLVQGNGNVSESDI
INNLPPEKEASSATIVLCLTRSSYMLELVNTPLTENILIASLMDTLITPAVRNTAPNIRELGVKNLGLCCLLDVKLAIDN
MYILGMCVSKGNASLKYIALQVIVDIFSVHGNTVVDGEGKVDSISLHKIFYKVLKNNGLPECQVIAAEGLCKLFLADVFT
DDDLFETLVLSYFSPINSSNEALVQAFAFCIPVYCFSHPAHQQRMSRTAADILLRLCVLWDDLQSSVIPEVDREAMLKPN
IIFQQLLFWTDPRNLVNQTGSTKKDTVQLTFLIDVLKIYAQIEKKEIKKMIITNINAIFLSSEQDYSTLKELLEYSDDIA
ENDNLDNVSKNALDKLRNNLNSLIEEINERSETQTKDENNTANDQYSSILGNSFNKSSNDTIEHAADITDGNNTELTKTT
VNISAVDNTTEQSNSRKRTRSEAEQIDTSKNLENMSIQDTSTVAKNVSFVLPDEKSDAMSIDEEDKDSESFSEVC
;
A
2 'polypeptide(L)'
;MTTQLRYENNDDDERVEYNLFTNRSTMMANFEEWIKMATDNKINSRNSWNFALIDYFYDLDVLKDGENNINFQKASATLD
GCIKIYSSRVDSVTTETGKLLSGLAQRKTNGASNGDDSNGGNGEGLGGDSDEANIEIDPLTGMPISNDPDVNNTRRRVYN
RVLETTLVEFETIKMKELDQELIIDPLFKKALVDFDEGGAKSLLLNTLNIDNTARVIFDASIKDTQNVGQGKLQRKEEEL
IERDSLVDDENEPSQSLISTRNDSTVNDSVISAPSMEDEILSLGMDFIKFDQIAVCEISGSIEQLRNVVEDINQAKDFIE
NVNNRFDNFLTEEELQAAVPDNAEDDSDGFDMGMQQELCYPDENHDNTSHDEQDDDNVNSTTGSIFEKDLMAYFDENLNR
NWRGREHWKVRNFKKANLVNKESDLLEETRTTIGDTTDKNTTDDKSMDTKKKHKQKKVLEIDFFKTDDSFEDKVFASKGR
TKIDMPIKNRKNDTHYLLPDDFHFSTDRITRLFIKPAQKMSLFSHRKHTRGDVSSGLFEKSTVSANHSNNDIPTIADEHF
WADNYERKEQEEKEKEQSKEVGDVVGGALDNPFEDDMDGVDFNQAFEGTDDNEEASVKLDLQDDEDHKFPIRENKVTYSR
VSKKVDVRRLKKNVWRSINNLIQEHDSRKNREQSSNDSETHTEDESTKELKFSDIIQGISKMYSDDTLKDISTSFCFICL
LHLANEHGLQITHTENYNDLIVNYEDLATTQAASLVGGGHHRPHHGGHHHHHHGGRIFYPYDVPDYAGYPYDVPDYAGSY
PYDVPNYAAGH
;
B
3 'polydeoxyribonucleotide'
;(DA)(DA)(DA)(DA)(DA)(DA)(DA)(DA)(DA)(DA)(DA)(DA)(DA)(DA)(DA)(DA)(DA)(DA)(DA)(DA)
(DA)(DA)(DA)(DA)(DA)(DA)(DA)(DA)(DA)(DA)(DA)(DA)(DA)(DA)(DA)(DA)(DA)(DA)(DA)(DA)
(DA)(DA)(DA)(DA)(DA)(DA)(DA)(DA)(DA)(DA)
;
C
4 'polydeoxyribonucleotide'
;(DT)(DT)(DT)(DT)(DT)(DT)(DT)(DT)(DT)(DT)(DT)(DT)(DT)(DT)(DT)(DT)(DT)(DT)(DT)(DT)
(DT)(DT)(DT)(DT)(DT)(DT)(DT)(DT)(DT)(DT)(DT)(DT)(DT)(DT)(DT)(DT)(DT)(DT)(DT)(DT)
(DT)(DT)(DT)(DT)(DT)(DT)(DT)(DT)(DT)(DT)
;
D
#
loop_
_chem_comp.id
_chem_comp.type
_chem_comp.name
_chem_comp.formula
DA DNA linking 2'-DEOXYADENOSINE-5'-MONOPHOSPHATE 'C10 H14 N5 O6 P'
DT DNA linking THYMIDINE-5'-MONOPHOSPHATE 'C10 H15 N2 O8 P'
#
# COMPACT_ATOMS: atom_id res chain seq x y z
N ILE A 7 -5.73 -37.54 -55.91
CA ILE A 7 -6.37 -36.89 -54.79
C ILE A 7 -7.63 -36.16 -55.24
N ASP A 8 -8.38 -35.63 -54.28
CA ASP A 8 -9.58 -34.87 -54.59
C ASP A 8 -9.52 -33.52 -53.88
N ILE A 9 -10.65 -32.79 -53.93
CA ILE A 9 -10.72 -31.42 -53.41
C ILE A 9 -10.54 -31.41 -51.90
N ASN A 10 -10.87 -32.54 -51.25
CA ASN A 10 -10.61 -32.74 -49.82
C ASN A 10 -9.12 -32.69 -49.48
N THR A 11 -8.25 -32.88 -50.48
CA THR A 11 -6.82 -32.78 -50.28
C THR A 11 -6.21 -31.53 -50.94
N LYS A 12 -6.84 -31.01 -51.99
CA LYS A 12 -6.41 -29.74 -52.57
C LYS A 12 -6.58 -28.60 -51.56
N ILE A 13 -7.74 -28.58 -50.89
CA ILE A 13 -7.95 -27.61 -49.80
C ILE A 13 -6.95 -27.84 -48.68
N PHE A 14 -6.56 -29.10 -48.46
CA PHE A 14 -5.65 -29.40 -47.36
C PHE A 14 -4.25 -28.89 -47.66
N ASN A 15 -3.76 -29.08 -48.88
CA ASN A 15 -2.41 -28.58 -49.19
C ASN A 15 -2.41 -27.06 -49.30
N SER A 16 -3.53 -26.46 -49.71
CA SER A 16 -3.63 -25.00 -49.73
C SER A 16 -3.55 -24.40 -48.33
N VAL A 17 -4.40 -24.87 -47.41
CA VAL A 17 -4.38 -24.35 -46.05
C VAL A 17 -3.09 -24.72 -45.34
N ALA A 18 -2.52 -25.88 -45.69
CA ALA A 18 -1.23 -26.29 -45.11
C ALA A 18 -0.11 -25.35 -45.53
N GLU A 19 -0.07 -24.99 -46.81
CA GLU A 19 0.94 -24.08 -47.30
C GLU A 19 0.80 -22.69 -46.68
N VAL A 20 -0.43 -22.17 -46.61
CA VAL A 20 -0.58 -20.80 -46.13
C VAL A 20 -0.37 -20.71 -44.62
N PHE A 21 -0.79 -21.73 -43.87
CA PHE A 21 -0.58 -21.69 -42.43
C PHE A 21 0.83 -22.13 -42.06
N GLN A 22 1.56 -22.76 -42.97
CA GLN A 22 2.96 -23.04 -42.67
C GLN A 22 3.84 -21.83 -42.98
N LYS A 23 3.63 -21.20 -44.13
CA LYS A 23 4.50 -20.08 -44.49
C LYS A 23 4.11 -18.80 -43.74
N ALA A 24 2.89 -18.73 -43.21
CA ALA A 24 2.51 -17.58 -42.40
C ALA A 24 2.95 -17.69 -40.95
N GLN A 25 3.72 -18.73 -40.60
CA GLN A 25 4.10 -18.90 -39.21
C GLN A 25 5.31 -18.05 -38.82
N GLY A 26 5.97 -17.44 -39.79
CA GLY A 26 7.17 -16.68 -39.51
C GLY A 26 7.14 -15.23 -39.94
N SER A 27 7.45 -14.33 -39.00
CA SER A 27 7.87 -12.95 -39.27
C SER A 27 6.76 -12.08 -39.88
N TYR A 28 5.52 -12.57 -39.80
CA TYR A 28 4.29 -11.88 -40.22
C TYR A 28 4.31 -11.48 -41.70
N ALA A 29 5.07 -12.18 -42.54
CA ALA A 29 5.37 -11.71 -43.88
C ALA A 29 4.21 -11.95 -44.84
N GLY A 30 3.70 -10.86 -45.42
CA GLY A 30 2.69 -10.97 -46.45
C GLY A 30 1.32 -11.38 -45.97
N HIS A 31 0.85 -10.81 -44.86
CA HIS A 31 -0.49 -11.11 -44.37
C HIS A 31 -1.57 -10.59 -45.30
N ARG A 32 -1.26 -9.53 -46.05
CA ARG A 32 -2.19 -9.01 -47.04
C ARG A 32 -2.25 -9.92 -48.26
N LYS A 33 -1.27 -10.80 -48.42
CA LYS A 33 -1.37 -11.84 -49.43
C LYS A 33 -1.97 -13.12 -48.84
N HIS A 34 -1.69 -13.38 -47.56
CA HIS A 34 -2.20 -14.57 -46.88
C HIS A 34 -3.71 -14.54 -46.75
N ILE A 35 -4.24 -13.44 -46.20
CA ILE A 35 -5.68 -13.27 -46.06
C ILE A 35 -6.36 -13.23 -47.42
N ALA A 36 -5.66 -12.69 -48.43
CA ALA A 36 -6.16 -12.69 -49.80
C ALA A 36 -6.36 -14.10 -50.33
N VAL A 37 -5.32 -14.94 -50.27
CA VAL A 37 -5.41 -16.27 -50.88
C VAL A 37 -6.32 -17.17 -50.04
N LEU A 38 -6.41 -16.91 -48.72
CA LEU A 38 -7.35 -17.64 -47.88
C LEU A 38 -8.78 -17.26 -48.21
N LYS A 39 -9.02 -16.00 -48.56
CA LYS A 39 -10.32 -15.57 -49.04
C LYS A 39 -10.66 -16.21 -50.37
N LYS A 40 -9.66 -16.33 -51.27
CA LYS A 40 -9.92 -16.99 -52.56
C LYS A 40 -10.28 -18.46 -52.38
N ILE A 41 -9.61 -19.15 -51.46
CA ILE A 41 -9.88 -20.58 -51.35
C ILE A 41 -11.16 -20.83 -50.56
N GLN A 42 -11.53 -19.92 -49.64
CA GLN A 42 -12.84 -20.06 -49.00
C GLN A 42 -13.96 -19.73 -49.98
N SER A 43 -13.73 -18.75 -50.85
CA SER A 43 -14.69 -18.43 -51.91
C SER A 43 -14.87 -19.59 -52.88
N LYS A 44 -13.77 -20.19 -53.32
CA LYS A 44 -13.86 -21.31 -54.25
C LYS A 44 -14.40 -22.56 -53.56
N ALA A 45 -14.19 -22.69 -52.25
CA ALA A 45 -14.73 -23.83 -51.53
C ALA A 45 -16.25 -23.72 -51.38
N VAL A 46 -16.76 -22.54 -51.03
CA VAL A 46 -18.20 -22.41 -50.88
C VAL A 46 -18.88 -22.33 -52.24
N GLU A 47 -18.18 -21.88 -53.28
CA GLU A 47 -18.72 -21.95 -54.63
C GLU A 47 -18.71 -23.40 -55.12
N GLN A 48 -17.79 -24.21 -54.60
CA GLN A 48 -17.85 -25.65 -54.82
C GLN A 48 -18.87 -26.34 -53.90
N GLY A 49 -18.70 -26.25 -52.59
CA GLY A 49 -19.71 -26.74 -51.67
C GLY A 49 -19.24 -27.70 -50.60
N TYR A 50 -17.94 -27.79 -50.33
CA TYR A 50 -17.43 -28.63 -49.24
C TYR A 50 -17.21 -27.83 -47.95
N GLU A 51 -18.29 -27.27 -47.40
CA GLU A 51 -18.15 -26.29 -46.33
C GLU A 51 -17.81 -26.97 -45.01
N ASP A 52 -18.49 -28.08 -44.70
CA ASP A 52 -18.17 -28.83 -43.50
C ASP A 52 -16.79 -29.47 -43.61
N ALA A 53 -16.38 -29.83 -44.83
CA ALA A 53 -15.02 -30.34 -45.03
C ALA A 53 -14.00 -29.22 -44.87
N PHE A 54 -14.34 -28.00 -45.30
CA PHE A 54 -13.45 -26.85 -45.10
C PHE A 54 -13.29 -26.56 -43.62
N ASN A 55 -14.40 -26.59 -42.87
CA ASN A 55 -14.34 -26.42 -41.43
C ASN A 55 -13.57 -27.56 -40.77
N PHE A 56 -13.65 -28.77 -41.32
CA PHE A 56 -12.96 -29.91 -40.72
C PHE A 56 -11.45 -29.81 -40.91
N TRP A 57 -11.00 -29.46 -42.11
CA TRP A 57 -9.56 -29.29 -42.30
C TRP A 57 -9.05 -28.04 -41.58
N PHE A 58 -9.92 -27.04 -41.41
CA PHE A 58 -9.62 -25.88 -40.58
C PHE A 58 -9.33 -26.31 -39.14
N ASP A 59 -10.23 -27.13 -38.59
CA ASP A 59 -10.05 -27.65 -37.23
C ASP A 59 -8.86 -28.58 -37.14
N LYS A 60 -8.55 -29.32 -38.20
CA LYS A 60 -7.39 -30.20 -38.22
C LYS A 60 -6.10 -29.40 -38.13
N LEU A 61 -5.98 -28.35 -38.94
CA LEU A 61 -4.74 -27.61 -38.97
C LEU A 61 -4.65 -26.65 -37.81
N VAL A 62 -5.78 -26.36 -37.16
CA VAL A 62 -5.76 -25.66 -35.88
C VAL A 62 -5.32 -26.59 -34.77
N THR A 63 -5.82 -27.83 -34.75
CA THR A 63 -5.49 -28.76 -33.68
C THR A 63 -4.08 -29.30 -33.81
N LYS A 64 -3.42 -29.05 -34.95
CA LYS A 64 -1.97 -29.25 -34.99
C LYS A 64 -1.19 -28.09 -34.35
N ILE A 65 -1.87 -27.08 -33.79
CA ILE A 65 -1.20 -25.98 -33.12
C ILE A 65 -1.43 -26.02 -31.62
N LEU A 66 -2.59 -26.55 -31.21
CA LEU A 66 -3.06 -26.39 -29.84
C LEU A 66 -2.15 -26.93 -28.71
N PRO A 67 -1.28 -27.93 -28.90
CA PRO A 67 -0.32 -28.22 -27.83
C PRO A 67 0.77 -27.18 -27.62
N LEU A 68 0.95 -26.20 -28.50
CA LEU A 68 1.99 -25.20 -28.26
C LEU A 68 1.54 -24.21 -27.20
N LYS A 69 2.43 -23.95 -26.25
CA LYS A 69 2.08 -23.22 -25.04
C LYS A 69 1.96 -21.72 -25.28
N LYS A 70 1.87 -20.99 -24.17
CA LYS A 70 2.20 -19.57 -24.18
C LYS A 70 3.71 -19.44 -24.26
N ASN A 71 4.17 -18.26 -24.68
CA ASN A 71 5.53 -17.95 -25.13
C ASN A 71 5.97 -18.84 -26.28
N GLU A 72 5.25 -18.80 -27.40
CA GLU A 72 5.63 -19.48 -28.62
C GLU A 72 5.04 -18.67 -29.77
N ILE A 73 5.89 -18.19 -30.66
CA ILE A 73 5.52 -17.15 -31.60
C ILE A 73 4.87 -17.79 -32.83
N ILE A 74 5.15 -19.08 -33.05
CA ILE A 74 4.76 -19.74 -34.29
C ILE A 74 3.26 -20.00 -34.31
N GLY A 75 2.69 -20.33 -33.15
CA GLY A 75 1.24 -20.45 -33.07
C GLY A 75 0.55 -19.10 -33.09
N ASP A 76 1.21 -18.11 -32.50
CA ASP A 76 0.64 -16.77 -32.38
C ASP A 76 0.45 -16.13 -33.75
N ARG A 77 1.40 -16.35 -34.65
CA ARG A 77 1.28 -15.79 -35.99
C ARG A 77 0.30 -16.55 -36.89
N ILE A 78 -0.37 -17.58 -36.38
CA ILE A 78 -1.46 -18.23 -37.09
C ILE A 78 -2.81 -17.91 -36.45
N VAL A 79 -2.84 -17.82 -35.12
CA VAL A 79 -4.08 -17.42 -34.45
C VAL A 79 -4.41 -15.97 -34.78
N LYS A 80 -3.37 -15.14 -34.97
CA LYS A 80 -3.67 -13.81 -35.46
C LYS A 80 -3.98 -13.80 -36.95
N LEU A 81 -3.57 -14.82 -37.69
CA LEU A 81 -3.95 -14.91 -39.10
C LEU A 81 -5.43 -15.22 -39.25
N VAL A 82 -5.93 -16.19 -38.49
CA VAL A 82 -7.35 -16.53 -38.55
C VAL A 82 -8.19 -15.42 -37.92
N ALA A 83 -7.62 -14.70 -36.94
CA ALA A 83 -8.27 -13.50 -36.42
C ALA A 83 -8.41 -12.45 -37.50
N ALA A 84 -7.35 -12.25 -38.30
CA ALA A 84 -7.44 -11.35 -39.44
C ALA A 84 -8.42 -11.86 -40.49
N PHE A 85 -8.60 -13.18 -40.57
CA PHE A 85 -9.52 -13.73 -41.57
C PHE A 85 -10.98 -13.45 -41.21
N ILE A 86 -11.36 -13.76 -39.97
CA ILE A 86 -12.72 -13.49 -39.53
C ILE A 86 -12.97 -11.99 -39.45
N ALA A 87 -11.92 -11.21 -39.17
CA ALA A 87 -12.03 -9.76 -39.25
C ALA A 87 -12.25 -9.28 -40.68
N SER A 88 -11.64 -9.97 -41.66
CA SER A 88 -11.84 -9.60 -43.06
C SER A 88 -13.27 -9.87 -43.50
N LEU A 89 -13.81 -11.03 -43.10
CA LEU A 89 -15.22 -11.30 -43.39
C LEU A 89 -16.15 -10.33 -42.67
N GLU A 90 -15.79 -9.91 -41.46
CA GLU A 90 -16.64 -9.00 -40.70
C GLU A 90 -16.65 -7.61 -41.31
N ARG A 91 -15.49 -7.13 -41.75
CA ARG A 91 -15.43 -5.83 -42.42
C ARG A 91 -16.08 -5.89 -43.79
N GLU A 92 -16.05 -7.06 -44.45
CA GLU A 92 -16.75 -7.20 -45.72
C GLU A 92 -18.26 -7.14 -45.50
N LEU A 93 -18.76 -7.70 -44.39
CA LEU A 93 -20.20 -7.60 -44.11
C LEU A 93 -20.59 -6.18 -43.68
N ILE A 94 -19.71 -5.51 -42.92
CA ILE A 94 -19.95 -4.13 -42.51
C ILE A 94 -20.01 -3.21 -43.73
N LEU A 95 -19.13 -3.44 -44.71
CA LEU A 95 -19.21 -2.65 -45.93
C LEU A 95 -20.31 -3.16 -46.85
N ALA A 96 -20.86 -4.34 -46.57
CA ALA A 96 -21.94 -4.85 -47.40
C ALA A 96 -23.30 -4.31 -46.98
N LYS A 97 -23.49 -4.01 -45.68
CA LYS A 97 -24.77 -3.45 -45.26
C LYS A 97 -24.92 -2.00 -45.70
N LYS A 98 -23.80 -1.32 -45.94
CA LYS A 98 -23.80 0.08 -46.29
C LYS A 98 -24.05 0.27 -47.79
N GLN A 99 -23.64 1.46 -48.26
CA GLN A 99 -24.12 2.26 -49.43
C GLN A 99 -24.42 1.39 -50.66
N ASN A 100 -23.69 0.33 -50.95
CA ASN A 100 -23.86 -0.30 -52.25
C ASN A 100 -24.59 -1.63 -52.19
N TYR A 101 -24.93 -2.11 -50.99
CA TYR A 101 -25.62 -3.38 -50.76
C TYR A 101 -24.86 -4.55 -51.40
N LYS A 102 -23.66 -4.79 -50.85
CA LYS A 102 -22.81 -5.89 -51.30
C LYS A 102 -23.17 -7.22 -50.64
N LEU A 103 -24.32 -7.32 -49.99
CA LEU A 103 -24.76 -8.59 -49.41
C LEU A 103 -25.27 -9.52 -50.50
N THR A 104 -24.35 -10.14 -51.20
CA THR A 104 -24.65 -11.08 -52.28
C THR A 104 -23.72 -12.27 -52.06
N ASN A 105 -24.12 -13.44 -52.61
CA ASN A 105 -23.47 -14.75 -52.43
C ASN A 105 -23.48 -15.22 -50.97
N ASP A 106 -24.37 -14.64 -50.16
CA ASP A 106 -24.72 -15.11 -48.82
C ASP A 106 -23.53 -15.15 -47.86
N GLU A 107 -22.72 -14.09 -47.83
CA GLU A 107 -21.63 -14.02 -46.86
C GLU A 107 -22.08 -13.73 -45.44
N GLU A 108 -23.39 -13.59 -45.19
CA GLU A 108 -23.90 -13.65 -43.84
C GLU A 108 -24.14 -15.08 -43.39
N GLY A 109 -24.68 -15.93 -44.28
CA GLY A 109 -24.96 -17.30 -43.92
C GLY A 109 -23.69 -18.13 -43.76
N ILE A 110 -22.71 -17.91 -44.65
CA ILE A 110 -21.44 -18.61 -44.56
C ILE A 110 -20.70 -18.22 -43.30
N PHE A 111 -20.76 -16.94 -42.94
CA PHE A 111 -20.13 -16.46 -41.71
C PHE A 111 -20.80 -17.04 -40.47
N SER A 112 -22.13 -17.10 -40.48
CA SER A 112 -22.85 -17.61 -39.31
C SER A 112 -22.63 -19.10 -39.12
N ARG A 113 -22.72 -19.88 -40.20
CA ARG A 113 -22.47 -21.33 -40.10
C ARG A 113 -21.00 -21.60 -39.79
N PHE A 114 -20.10 -20.75 -40.29
CA PHE A 114 -18.67 -20.92 -40.01
C PHE A 114 -18.39 -20.75 -38.53
N VAL A 115 -18.91 -19.69 -37.93
CA VAL A 115 -18.63 -19.48 -36.51
C VAL A 115 -19.42 -20.47 -35.66
N ASP A 116 -20.57 -20.93 -36.15
CA ASP A 116 -21.38 -21.90 -35.41
C ASP A 116 -20.72 -23.27 -35.40
N GLN A 117 -19.97 -23.60 -36.45
CA GLN A 117 -19.25 -24.87 -36.46
C GLN A 117 -17.92 -24.77 -35.72
N PHE A 118 -17.21 -23.65 -35.90
CA PHE A 118 -15.87 -23.53 -35.33
C PHE A 118 -15.92 -23.35 -33.83
N ILE A 119 -16.95 -22.66 -33.31
CA ILE A 119 -17.08 -22.51 -31.86
C ILE A 119 -17.46 -23.84 -31.23
N ARG A 120 -18.35 -24.59 -31.89
CA ARG A 120 -18.68 -25.94 -31.45
C ARG A 120 -17.49 -26.88 -31.52
N HIS A 121 -16.54 -26.64 -32.42
CA HIS A 121 -15.33 -27.44 -32.44
C HIS A 121 -14.40 -27.09 -31.30
N VAL A 122 -14.15 -25.79 -31.09
CA VAL A 122 -13.16 -25.41 -30.07
C VAL A 122 -13.70 -25.68 -28.67
N LEU A 123 -15.02 -25.57 -28.47
CA LEU A 123 -15.56 -25.81 -27.14
C LEU A 123 -15.68 -27.30 -26.82
N ARG A 124 -15.44 -28.17 -27.80
CA ARG A 124 -15.22 -29.57 -27.51
C ARG A 124 -13.86 -29.79 -26.89
N GLY A 125 -12.91 -28.88 -27.15
CA GLY A 125 -11.55 -29.07 -26.65
C GLY A 125 -11.30 -28.36 -25.35
N VAL A 126 -12.32 -27.73 -24.76
CA VAL A 126 -12.10 -26.90 -23.59
C VAL A 126 -11.94 -27.76 -22.33
N GLU A 127 -12.26 -29.04 -22.39
CA GLU A 127 -12.20 -29.92 -21.24
C GLU A 127 -10.99 -30.84 -21.24
N SER A 128 -10.07 -30.66 -22.18
CA SER A 128 -8.92 -31.55 -22.27
C SER A 128 -7.94 -31.30 -21.14
N PRO A 129 -7.24 -32.33 -20.66
CA PRO A 129 -6.40 -32.14 -19.47
C PRO A 129 -5.15 -31.31 -19.70
N ASP A 130 -4.78 -31.03 -20.95
CA ASP A 130 -3.57 -30.25 -21.21
C ASP A 130 -3.90 -28.77 -21.08
N LYS A 131 -2.95 -28.00 -20.54
CA LYS A 131 -3.16 -26.57 -20.34
C LYS A 131 -3.12 -25.81 -21.67
N ASN A 132 -2.32 -26.29 -22.61
CA ASN A 132 -2.07 -25.55 -23.83
C ASN A 132 -3.28 -25.53 -24.74
N VAL A 133 -4.01 -26.65 -24.80
CA VAL A 133 -5.15 -26.73 -25.71
C VAL A 133 -6.31 -25.89 -25.19
N ARG A 134 -6.54 -25.87 -23.87
CA ARG A 134 -7.57 -25.02 -23.29
C ARG A 134 -7.22 -23.55 -23.46
N PHE A 135 -5.95 -23.21 -23.23
CA PHE A 135 -5.49 -21.82 -23.34
C PHE A 135 -5.62 -21.33 -24.79
N ARG A 136 -5.25 -22.17 -25.76
CA ARG A 136 -5.33 -21.75 -27.14
C ARG A 136 -6.77 -21.73 -27.64
N VAL A 137 -7.65 -22.56 -27.07
CA VAL A 137 -9.06 -22.50 -27.46
C VAL A 137 -9.70 -21.23 -26.96
N LEU A 138 -9.48 -20.88 -25.69
CA LEU A 138 -10.08 -19.65 -25.18
C LEU A 138 -9.42 -18.41 -25.74
N GLN A 139 -8.15 -18.51 -26.16
CA GLN A 139 -7.54 -17.39 -26.86
C GLN A 139 -8.12 -17.24 -28.26
N LEU A 140 -8.24 -18.35 -28.98
CA LEU A 140 -8.77 -18.37 -30.32
C LEU A 140 -10.25 -18.01 -30.38
N LEU A 141 -10.96 -18.10 -29.27
CA LEU A 141 -12.26 -17.46 -29.13
C LEU A 141 -12.11 -15.98 -28.79
N ALA A 142 -11.24 -15.67 -27.81
CA ALA A 142 -11.23 -14.35 -27.18
C ALA A 142 -10.67 -13.28 -28.10
N VAL A 143 -9.72 -13.64 -28.96
CA VAL A 143 -9.18 -12.69 -29.91
C VAL A 143 -10.21 -12.37 -31.00
N ILE A 144 -11.03 -13.34 -31.37
CA ILE A 144 -12.00 -13.15 -32.45
C ILE A 144 -13.41 -12.85 -31.97
N MET A 145 -13.66 -12.85 -30.65
CA MET A 145 -15.02 -12.69 -30.13
C MET A 145 -15.57 -11.29 -30.39
N ASP A 146 -14.69 -10.29 -30.52
CA ASP A 146 -15.12 -8.95 -30.88
C ASP A 146 -15.64 -8.89 -32.32
N ASN A 147 -15.05 -9.67 -33.23
CA ASN A 147 -15.49 -9.65 -34.62
C ASN A 147 -16.46 -10.77 -34.93
N ILE A 148 -16.87 -11.57 -33.95
CA ILE A 148 -17.85 -12.61 -34.20
C ILE A 148 -19.23 -12.00 -34.37
N GLY A 149 -19.64 -11.14 -33.45
CA GLY A 149 -20.88 -10.41 -33.60
C GLY A 149 -22.10 -11.13 -33.04
N GLU A 150 -22.99 -11.55 -33.94
CA GLU A 150 -24.24 -12.17 -33.50
C GLU A 150 -24.14 -13.68 -33.58
N ILE A 151 -24.79 -14.36 -32.63
CA ILE A 151 -24.74 -15.81 -32.48
C ILE A 151 -26.12 -16.32 -32.07
N ASP A 152 -26.21 -17.64 -31.95
CA ASP A 152 -27.47 -18.26 -31.54
C ASP A 152 -27.55 -18.36 -30.03
N GLU A 153 -28.77 -18.31 -29.51
CA GLU A 153 -29.00 -18.26 -28.06
C GLU A 153 -28.59 -19.56 -27.38
N SER A 154 -28.74 -20.69 -28.07
CA SER A 154 -28.19 -21.95 -27.57
C SER A 154 -26.66 -21.89 -27.57
N LEU A 155 -26.08 -21.35 -28.63
CA LEU A 155 -24.62 -21.21 -28.68
C LEU A 155 -24.13 -20.18 -27.68
N PHE A 156 -24.92 -19.12 -27.47
CA PHE A 156 -24.59 -18.14 -26.44
C PHE A 156 -24.66 -18.75 -25.06
N ASN A 157 -25.63 -19.63 -24.82
CA ASN A 157 -25.74 -20.28 -23.52
C ASN A 157 -24.60 -21.27 -23.30
N LEU A 158 -24.22 -22.00 -24.34
CA LEU A 158 -23.09 -22.92 -24.23
C LEU A 158 -21.79 -22.17 -24.00
N LEU A 159 -21.60 -21.06 -24.72
CA LEU A 159 -20.42 -20.22 -24.54
C LEU A 159 -20.36 -19.64 -23.13
N ILE A 160 -21.48 -19.13 -22.63
CA ILE A 160 -21.45 -18.50 -21.32
C ILE A 160 -21.34 -19.53 -20.21
N LEU A 161 -21.84 -20.75 -20.44
CA LEU A 161 -21.66 -21.81 -19.44
C LEU A 161 -20.22 -22.29 -19.42
N SER A 162 -19.62 -22.45 -20.60
CA SER A 162 -18.23 -22.86 -20.68
C SER A 162 -17.29 -21.81 -20.09
N LEU A 163 -17.54 -20.54 -20.41
CA LEU A 163 -16.66 -19.48 -19.91
C LEU A 163 -16.90 -19.22 -18.42
N ASN A 164 -18.13 -19.41 -17.95
CA ASN A 164 -18.42 -19.27 -16.53
C ASN A 164 -17.92 -20.45 -15.73
N LYS A 165 -17.60 -21.57 -16.38
CA LYS A 165 -16.87 -22.61 -15.69
C LYS A 165 -15.37 -22.38 -15.79
N ARG A 166 -14.91 -21.81 -16.91
CA ARG A 166 -13.48 -21.60 -17.12
C ARG A 166 -12.94 -20.40 -16.39
N ILE A 167 -13.82 -19.54 -15.84
CA ILE A 167 -13.32 -18.48 -14.98
C ILE A 167 -12.79 -19.07 -13.67
N TYR A 168 -13.30 -20.23 -13.26
CA TYR A 168 -12.74 -20.96 -12.12
C TYR A 168 -11.91 -22.15 -12.60
N ASP A 169 -11.15 -21.97 -13.68
CA ASP A 169 -10.20 -22.97 -14.11
C ASP A 169 -8.92 -22.90 -13.29
N ARG A 170 -8.20 -24.02 -13.25
CA ARG A 170 -7.10 -24.18 -12.30
C ARG A 170 -5.88 -23.37 -12.67
N GLU A 171 -5.67 -23.09 -13.97
CA GLU A 171 -4.46 -22.34 -14.29
C GLU A 171 -4.79 -20.92 -14.70
N PRO A 172 -3.91 -19.95 -14.42
CA PRO A 172 -4.29 -18.54 -14.67
C PRO A 172 -4.24 -18.14 -16.13
N THR A 173 -3.42 -18.82 -16.94
CA THR A 173 -3.19 -18.38 -18.30
C THR A 173 -4.42 -18.62 -19.16
N VAL A 174 -5.21 -19.64 -18.82
CA VAL A 174 -6.47 -19.82 -19.54
C VAL A 174 -7.53 -18.88 -18.99
N ARG A 175 -7.38 -18.44 -17.73
CA ARG A 175 -8.33 -17.49 -17.17
C ARG A 175 -8.16 -16.10 -17.76
N ILE A 176 -6.96 -15.79 -18.27
CA ILE A 176 -6.75 -14.54 -18.99
C ILE A 176 -7.60 -14.49 -20.25
N GLN A 177 -7.56 -15.56 -21.03
CA GLN A 177 -8.39 -15.60 -22.23
C GLN A 177 -9.87 -15.75 -21.88
N ALA A 178 -10.16 -16.31 -20.70
CA ALA A 178 -11.53 -16.39 -20.24
C ALA A 178 -12.10 -15.01 -19.95
N VAL A 179 -11.34 -14.15 -19.26
CA VAL A 179 -11.88 -12.82 -18.96
C VAL A 179 -11.88 -11.95 -20.20
N PHE A 180 -10.98 -12.20 -21.17
CA PHE A 180 -11.07 -11.51 -22.45
C PHE A 180 -12.36 -11.87 -23.21
N CYS A 181 -12.65 -13.17 -23.32
CA CYS A 181 -13.83 -13.59 -24.04
C CYS A 181 -15.10 -13.28 -23.28
N LEU A 182 -15.00 -13.09 -21.96
CA LEU A 182 -16.12 -12.56 -21.19
C LEU A 182 -16.37 -11.11 -21.52
N THR A 183 -15.32 -10.29 -21.53
CA THR A 183 -15.46 -8.86 -21.73
C THR A 183 -15.84 -8.49 -23.15
N LYS A 184 -15.65 -9.37 -24.13
CA LYS A 184 -16.21 -9.08 -25.45
C LYS A 184 -17.73 -9.18 -25.48
N PHE A 185 -18.33 -9.86 -24.50
CA PHE A 185 -19.79 -9.92 -24.37
C PHE A 185 -20.26 -8.85 -23.38
N GLN A 186 -20.15 -7.59 -23.82
CA GLN A 186 -20.52 -6.47 -22.96
C GLN A 186 -21.25 -5.41 -23.79
N ASP A 187 -22.58 -5.52 -23.85
CA ASP A 187 -23.40 -4.47 -24.45
C ASP A 187 -24.71 -4.26 -23.71
N GLU A 188 -24.79 -4.56 -22.42
CA GLU A 188 -26.07 -4.66 -21.74
C GLU A 188 -26.31 -3.48 -20.81
N GLU A 189 -27.55 -3.34 -20.36
CA GLU A 189 -27.87 -2.43 -19.28
C GLU A 189 -27.47 -3.06 -17.96
N GLN A 190 -26.87 -2.26 -17.08
CA GLN A 190 -26.25 -2.77 -15.87
C GLN A 190 -27.21 -2.64 -14.69
N THR A 191 -27.58 -3.77 -14.11
CA THR A 191 -28.45 -3.82 -12.94
C THR A 191 -28.15 -5.09 -12.18
N GLU A 192 -27.66 -4.95 -10.94
CA GLU A 192 -27.28 -6.10 -10.15
C GLU A 192 -27.56 -5.80 -8.68
N HIS A 193 -27.47 -6.86 -7.87
CA HIS A 193 -27.74 -6.75 -6.44
C HIS A 193 -26.61 -6.01 -5.72
N ASN A 203 -26.79 -16.66 -13.61
CA ASN A 203 -25.39 -16.33 -13.77
C ASN A 203 -25.04 -15.97 -15.21
N PHE A 204 -26.05 -15.58 -15.98
CA PHE A 204 -25.85 -15.29 -17.40
C PHE A 204 -25.23 -13.92 -17.64
N GLU A 205 -25.10 -13.09 -16.61
CA GLU A 205 -24.48 -11.78 -16.80
C GLU A 205 -22.96 -11.91 -16.64
N ALA A 206 -22.23 -11.27 -17.55
CA ALA A 206 -20.77 -11.39 -17.53
C ALA A 206 -20.15 -10.46 -16.51
N THR A 207 -20.84 -9.34 -16.23
CA THR A 207 -20.25 -8.28 -15.41
C THR A 207 -20.08 -8.72 -13.96
N ARG A 208 -21.07 -9.44 -13.42
CA ARG A 208 -20.95 -9.97 -12.06
C ARG A 208 -19.85 -11.02 -11.97
N THR A 209 -19.67 -11.81 -13.04
CA THR A 209 -18.60 -12.79 -13.08
C THR A 209 -17.23 -12.11 -13.09
N LEU A 210 -17.12 -11.00 -13.85
CA LEU A 210 -15.86 -10.28 -13.90
C LEU A 210 -15.57 -9.56 -12.60
N VAL A 211 -16.60 -9.10 -11.90
CA VAL A 211 -16.42 -8.50 -10.59
C VAL A 211 -16.02 -9.58 -9.57
N ALA A 212 -16.57 -10.78 -9.72
CA ALA A 212 -16.19 -11.89 -8.87
C ALA A 212 -14.75 -12.31 -9.11
N SER A 213 -14.26 -12.15 -10.34
CA SER A 213 -12.85 -12.45 -10.60
C SER A 213 -11.96 -11.29 -10.17
N ILE A 214 -12.47 -10.06 -10.24
CA ILE A 214 -11.65 -8.91 -9.90
C ILE A 214 -11.46 -8.81 -8.40
N GLN A 215 -12.33 -9.48 -7.63
CA GLN A 215 -12.09 -9.53 -6.19
C GLN A 215 -11.51 -10.88 -5.78
N ASN A 216 -12.10 -11.98 -6.24
CA ASN A 216 -11.91 -13.27 -5.62
C ASN A 216 -10.73 -14.08 -6.15
N ASP A 217 -10.23 -13.77 -7.34
CA ASP A 217 -9.31 -14.69 -8.01
C ASP A 217 -7.92 -14.63 -7.40
N PRO A 218 -7.27 -15.79 -7.18
CA PRO A 218 -5.95 -15.77 -6.54
C PRO A 218 -4.85 -15.29 -7.45
N SER A 219 -5.04 -15.30 -8.75
CA SER A 219 -3.99 -14.83 -9.66
C SER A 219 -4.00 -13.31 -9.69
N ALA A 220 -2.82 -12.71 -9.54
CA ALA A 220 -2.68 -11.26 -9.66
C ALA A 220 -2.54 -10.81 -11.11
N GLU A 221 -2.81 -11.70 -12.06
CA GLU A 221 -2.74 -11.41 -13.49
C GLU A 221 -4.10 -11.43 -14.14
N VAL A 222 -5.04 -12.23 -13.62
CA VAL A 222 -6.42 -12.23 -14.13
C VAL A 222 -7.09 -10.90 -13.85
N ARG A 223 -6.73 -10.25 -12.74
CA ARG A 223 -7.28 -8.93 -12.44
C ARG A 223 -6.73 -7.87 -13.38
N ARG A 224 -5.56 -8.11 -13.97
CA ARG A 224 -4.98 -7.16 -14.92
C ARG A 224 -5.77 -7.16 -16.23
N ALA A 225 -6.48 -8.25 -16.51
CA ALA A 225 -7.28 -8.30 -17.71
C ALA A 225 -8.77 -8.28 -17.38
N ALA A 226 -9.11 -8.21 -16.10
CA ALA A 226 -10.50 -7.99 -15.71
C ALA A 226 -10.68 -6.57 -15.19
N MET A 227 -9.58 -5.83 -15.09
CA MET A 227 -9.60 -4.47 -14.55
C MET A 227 -9.72 -3.44 -15.67
N LEU A 228 -8.99 -3.65 -16.76
CA LEU A 228 -9.05 -2.73 -17.88
C LEU A 228 -10.28 -2.96 -18.74
N ASN A 229 -10.57 -4.21 -19.07
CA ASN A 229 -11.52 -4.53 -20.12
C ASN A 229 -12.98 -4.50 -19.67
N LEU A 230 -13.25 -4.02 -18.46
CA LEU A 230 -14.61 -3.88 -17.98
C LEU A 230 -15.28 -2.68 -18.66
N ILE A 231 -16.55 -2.44 -18.30
CA ILE A 231 -17.33 -1.44 -19.03
C ILE A 231 -17.10 -0.03 -18.49
N ASN A 232 -16.90 0.09 -17.17
CA ASN A 232 -16.68 1.37 -16.46
C ASN A 232 -17.83 2.36 -16.66
N ASP A 233 -19.03 1.93 -16.29
CA ASP A 233 -20.17 2.84 -16.15
C ASP A 233 -20.25 3.30 -14.70
N ASN A 234 -21.40 3.86 -14.31
CA ASN A 234 -21.59 4.37 -12.96
C ASN A 234 -21.54 3.24 -11.92
N ASN A 235 -22.03 2.05 -12.29
CA ASN A 235 -22.19 0.98 -11.32
C ASN A 235 -20.86 0.31 -10.97
N THR A 236 -20.12 -0.14 -11.98
CA THR A 236 -18.96 -1.00 -11.75
C THR A 236 -17.74 -0.26 -11.25
N ARG A 237 -17.75 1.07 -11.30
CA ARG A 237 -16.54 1.87 -11.14
C ARG A 237 -15.78 1.70 -9.81
N PRO A 238 -16.40 1.61 -8.62
CA PRO A 238 -15.57 1.34 -7.42
C PRO A 238 -14.91 -0.02 -7.47
N TYR A 239 -15.56 -1.00 -8.10
CA TYR A 239 -14.94 -2.32 -8.31
C TYR A 239 -13.68 -2.20 -9.16
N ILE A 240 -13.64 -1.20 -10.06
CA ILE A 240 -12.40 -0.92 -10.76
C ILE A 240 -11.44 -0.17 -9.84
N LEU A 241 -11.93 0.89 -9.19
CA LEU A 241 -11.01 1.88 -8.63
C LEU A 241 -10.41 1.40 -7.33
N GLU A 242 -11.03 0.42 -6.68
CA GLU A 242 -10.46 -0.13 -5.47
C GLU A 242 -9.32 -1.10 -5.82
N ARG A 243 -9.19 -1.42 -7.11
CA ARG A 243 -7.97 -2.01 -7.68
C ARG A 243 -6.77 -1.09 -7.62
N ALA A 244 -6.92 0.17 -7.21
CA ALA A 244 -5.77 0.98 -6.83
C ALA A 244 -5.11 0.47 -5.56
N ARG A 245 -5.77 -0.42 -4.82
CA ARG A 245 -5.15 -1.14 -3.71
C ARG A 245 -5.02 -2.63 -4.02
N ASP A 246 -4.59 -2.96 -5.24
CA ASP A 246 -4.41 -4.35 -5.62
C ASP A 246 -3.13 -4.92 -5.01
N VAL A 247 -3.12 -6.25 -4.85
CA VAL A 247 -1.96 -7.00 -4.41
C VAL A 247 -0.74 -6.79 -5.30
N ASN A 248 -0.94 -6.76 -6.60
CA ASN A 248 0.17 -6.66 -7.55
C ASN A 248 0.54 -5.20 -7.76
N ILE A 249 1.81 -4.95 -8.05
CA ILE A 249 2.30 -3.59 -8.26
C ILE A 249 1.87 -3.09 -9.63
N VAL A 250 1.81 -4.00 -10.60
CA VAL A 250 1.52 -3.62 -11.97
C VAL A 250 0.08 -3.16 -12.11
N ASN A 251 -0.83 -3.73 -11.32
CA ASN A 251 -2.22 -3.29 -11.34
C ASN A 251 -2.37 -1.91 -10.71
N ARG A 252 -1.63 -1.65 -9.64
CA ARG A 252 -1.67 -0.35 -8.97
C ARG A 252 -1.12 0.74 -9.89
N ARG A 253 -0.13 0.42 -10.69
CA ARG A 253 0.36 1.39 -11.64
C ARG A 253 -0.57 1.50 -12.85
N LEU A 254 -1.23 0.40 -13.20
CA LEU A 254 -1.98 0.39 -14.45
C LEU A 254 -3.35 1.04 -14.30
N VAL A 255 -3.85 1.17 -13.06
CA VAL A 255 -5.09 1.92 -12.85
C VAL A 255 -4.88 3.41 -13.15
N TYR A 256 -3.65 3.90 -12.97
CA TYR A 256 -3.32 5.27 -13.36
C TYR A 256 -2.89 5.32 -14.81
N SER A 257 -2.32 4.22 -15.31
CA SER A 257 -1.78 4.23 -16.66
C SER A 257 -2.85 4.14 -17.74
N ARG A 258 -3.85 3.26 -17.59
CA ARG A 258 -4.75 2.99 -18.70
C ARG A 258 -6.23 3.11 -18.39
N ILE A 259 -6.62 3.45 -17.16
CA ILE A 259 -8.04 3.62 -16.86
C ILE A 259 -8.36 5.09 -16.60
N LEU A 260 -7.62 5.72 -15.69
CA LEU A 260 -7.86 7.13 -15.38
C LEU A 260 -7.39 8.02 -16.52
N LYS A 261 -6.26 7.67 -17.14
CA LYS A 261 -5.79 8.37 -18.32
C LYS A 261 -6.74 8.18 -19.51
N SER A 262 -7.47 7.07 -19.55
CA SER A 262 -8.43 6.83 -20.62
C SER A 262 -9.68 7.70 -20.47
N MET A 263 -10.18 7.83 -19.24
CA MET A 263 -11.32 8.70 -19.01
C MET A 263 -10.93 10.17 -19.18
N GLY A 264 -9.92 10.61 -18.43
CA GLY A 264 -9.32 11.89 -18.74
C GLY A 264 -10.10 13.04 -18.14
N ARG A 265 -10.90 13.69 -18.98
CA ARG A 265 -11.62 14.87 -18.54
C ARG A 265 -12.83 14.50 -17.69
N LYS A 266 -13.38 13.30 -17.88
CA LYS A 266 -14.58 12.91 -17.16
C LYS A 266 -14.31 12.48 -15.73
N CYS A 267 -13.06 12.46 -15.28
CA CYS A 267 -12.76 12.00 -13.93
C CYS A 267 -13.17 13.02 -12.88
N PHE A 268 -13.23 14.30 -13.26
CA PHE A 268 -13.63 15.32 -12.31
C PHE A 268 -15.13 15.37 -12.11
N ASP A 269 -15.90 14.82 -13.05
CA ASP A 269 -17.36 14.85 -12.99
C ASP A 269 -18.01 13.48 -12.86
N ASP A 270 -17.24 12.39 -12.88
CA ASP A 270 -17.79 11.05 -12.80
C ASP A 270 -17.25 10.25 -11.62
N ILE A 271 -16.65 10.90 -10.64
CA ILE A 271 -16.13 10.25 -9.45
C ILE A 271 -16.52 11.10 -8.25
N GLU A 272 -17.15 10.48 -7.26
CA GLU A 272 -17.47 11.17 -6.01
C GLU A 272 -16.18 11.60 -5.33
N PRO A 273 -16.09 12.85 -4.84
CA PRO A 273 -14.79 13.40 -4.43
C PRO A 273 -14.16 12.74 -3.21
N HIS A 274 -14.91 11.92 -2.47
CA HIS A 274 -14.30 11.11 -1.42
C HIS A 274 -13.36 10.05 -2.01
N ILE A 275 -13.61 9.61 -3.24
CA ILE A 275 -12.69 8.68 -3.89
C ILE A 275 -11.66 9.43 -4.72
N PHE A 276 -12.02 10.62 -5.21
CA PHE A 276 -11.09 11.39 -6.03
C PHE A 276 -10.02 12.04 -5.17
N ASP A 277 -10.30 12.21 -3.88
CA ASP A 277 -9.27 12.61 -2.93
C ASP A 277 -8.69 11.42 -2.20
N GLN A 278 -8.96 10.21 -2.68
CA GLN A 278 -8.35 9.01 -2.12
C GLN A 278 -7.39 8.35 -3.12
N LEU A 279 -7.72 8.42 -4.42
CA LEU A 279 -6.89 7.79 -5.43
C LEU A 279 -5.53 8.47 -5.56
N ILE A 280 -5.51 9.80 -5.53
CA ILE A 280 -4.23 10.48 -5.70
C ILE A 280 -3.42 10.45 -4.42
N GLU A 281 -4.07 10.23 -3.27
CA GLU A 281 -3.30 9.96 -2.05
C GLU A 281 -2.75 8.55 -2.04
N TRP A 282 -3.48 7.61 -2.63
CA TRP A 282 -2.95 6.25 -2.78
C TRP A 282 -1.84 6.19 -3.83
N GLY A 283 -1.82 7.12 -4.78
CA GLY A 283 -0.77 7.18 -5.77
C GLY A 283 0.48 7.91 -5.32
N LEU A 284 0.34 9.14 -4.86
CA LEU A 284 1.51 9.94 -4.50
C LEU A 284 2.13 9.51 -3.17
N GLU A 285 1.48 8.60 -2.43
CA GLU A 285 2.07 8.04 -1.23
C GLU A 285 2.18 6.52 -1.30
N ASP A 286 2.61 6.00 -2.44
CA ASP A 286 2.81 4.56 -2.57
C ASP A 286 4.23 4.19 -2.17
N ARG A 287 4.49 2.89 -2.12
CA ARG A 287 5.78 2.41 -1.65
C ARG A 287 6.73 2.08 -2.79
N GLU A 288 6.24 2.11 -4.03
CA GLU A 288 7.05 1.71 -5.17
C GLU A 288 7.16 2.91 -6.10
N LEU A 289 8.29 2.99 -6.83
CA LEU A 289 8.61 4.23 -7.54
C LEU A 289 7.84 4.36 -8.84
N SER A 290 7.56 3.25 -9.51
CA SER A 290 6.96 3.32 -10.84
C SER A 290 5.50 3.73 -10.78
N VAL A 291 4.78 3.27 -9.76
CA VAL A 291 3.39 3.68 -9.59
C VAL A 291 3.30 5.15 -9.14
N ARG A 292 4.26 5.63 -8.34
CA ARG A 292 4.31 7.04 -7.98
C ARG A 292 4.59 7.89 -9.22
N ASN A 293 5.50 7.43 -10.07
CA ASN A 293 5.82 8.17 -11.29
C ASN A 293 4.66 8.16 -12.27
N ALA A 294 3.87 7.08 -12.25
CA ALA A 294 2.68 7.03 -13.11
C ALA A 294 1.61 8.00 -12.64
N CYS A 295 1.38 8.08 -11.33
CA CYS A 295 0.42 9.05 -10.81
C CYS A 295 0.91 10.49 -11.01
N LYS A 296 2.23 10.68 -10.90
CA LYS A 296 2.82 12.00 -11.13
C LYS A 296 2.66 12.41 -12.59
N ARG A 297 2.88 11.48 -13.51
CA ARG A 297 2.74 11.80 -14.93
C ARG A 297 1.28 11.91 -15.34
N LEU A 298 0.38 11.35 -14.53
CA LEU A 298 -1.04 11.51 -14.79
C LEU A 298 -1.54 12.87 -14.35
N ILE A 299 -1.06 13.35 -13.20
CA ILE A 299 -1.43 14.67 -12.72
C ILE A 299 -0.59 15.75 -13.41
N ALA A 300 0.42 15.33 -14.16
CA ALA A 300 1.39 16.28 -14.70
C ALA A 300 1.30 16.44 -16.21
N HIS A 301 0.88 15.41 -16.93
CA HIS A 301 0.95 15.48 -18.39
C HIS A 301 -0.41 15.36 -19.07
N ASP A 302 -1.20 14.35 -18.71
CA ASP A 302 -2.40 14.06 -19.48
C ASP A 302 -3.54 15.01 -19.13
N TRP A 303 -3.83 15.16 -17.84
CA TRP A 303 -5.01 15.93 -17.43
C TRP A 303 -4.83 17.42 -17.72
N LEU A 304 -3.66 17.97 -17.40
CA LEU A 304 -3.46 19.41 -17.55
C LEU A 304 -3.36 19.81 -19.03
N ASN A 305 -2.87 18.90 -19.88
CA ASN A 305 -2.96 19.15 -21.31
C ASN A 305 -4.30 18.67 -21.87
N ALA A 306 -5.19 18.15 -21.02
CA ALA A 306 -6.50 17.75 -21.50
C ALA A 306 -7.53 18.86 -21.29
N LEU A 307 -7.44 19.63 -20.21
CA LEU A 307 -8.35 20.77 -20.03
C LEU A 307 -7.73 22.07 -20.55
N ASP A 308 -6.82 21.97 -21.52
CA ASP A 308 -6.17 23.09 -22.21
C ASP A 308 -5.38 23.98 -21.24
N GLY A 309 -4.41 23.39 -20.55
CA GLY A 309 -3.33 24.14 -19.92
C GLY A 309 -3.69 25.00 -18.73
N ASP A 310 -4.97 25.17 -18.41
CA ASP A 310 -5.39 26.10 -17.38
C ASP A 310 -5.12 25.44 -16.03
N LEU A 311 -4.14 25.98 -15.30
CA LEU A 311 -3.84 25.47 -13.98
C LEU A 311 -4.94 25.82 -12.98
N ILE A 312 -5.60 26.96 -13.19
CA ILE A 312 -6.69 27.39 -12.30
C ILE A 312 -7.90 26.48 -12.48
N GLU A 313 -8.17 26.05 -13.71
CA GLU A 313 -9.32 25.18 -13.96
C GLU A 313 -9.08 23.79 -13.41
N LEU A 314 -7.82 23.33 -13.41
CA LEU A 314 -7.51 22.04 -12.79
C LEU A 314 -7.58 22.14 -11.27
N LEU A 315 -7.16 23.27 -10.71
CA LEU A 315 -7.20 23.43 -9.27
C LEU A 315 -8.62 23.67 -8.77
N GLU A 316 -9.52 24.16 -9.62
CA GLU A 316 -10.92 24.27 -9.22
C GLU A 316 -11.61 22.92 -9.18
N LYS A 317 -11.01 21.91 -9.82
CA LYS A 317 -11.63 20.59 -9.84
C LYS A 317 -10.87 19.59 -8.99
N LEU A 318 -9.69 19.99 -8.50
CA LEU A 318 -8.98 19.14 -7.55
C LEU A 318 -9.28 19.50 -6.10
N ASP A 319 -10.42 20.17 -5.85
CA ASP A 319 -11.05 20.52 -4.56
C ASP A 319 -10.05 20.89 -3.45
N VAL A 320 -9.34 21.99 -3.69
CA VAL A 320 -8.20 22.37 -2.85
C VAL A 320 -8.60 22.83 -1.45
N SER A 321 -9.88 23.08 -1.19
CA SER A 321 -10.28 23.57 0.12
C SER A 321 -10.28 22.47 1.18
N ARG A 322 -10.91 21.33 0.88
CA ARG A 322 -11.00 20.22 1.83
C ARG A 322 -9.80 19.31 1.83
N SER A 323 -9.44 18.75 0.68
CA SER A 323 -8.36 17.77 0.61
C SER A 323 -7.01 18.44 0.75
N SER A 324 -6.20 17.94 1.69
CA SER A 324 -4.86 18.45 1.92
C SER A 324 -3.80 17.60 1.22
N VAL A 325 -4.18 16.94 0.12
CA VAL A 325 -3.25 16.11 -0.64
C VAL A 325 -2.60 16.89 -1.77
N CYS A 326 -3.18 18.04 -2.16
CA CYS A 326 -2.76 18.76 -3.35
C CYS A 326 -1.38 19.37 -3.19
N VAL A 327 -0.93 19.57 -1.95
CA VAL A 327 0.42 20.11 -1.69
C VAL A 327 1.49 19.13 -2.15
N LYS A 328 1.13 17.85 -2.30
CA LYS A 328 2.02 16.94 -2.99
C LYS A 328 1.84 17.02 -4.50
N ALA A 329 0.58 17.04 -4.95
CA ALA A 329 0.28 16.79 -6.36
C ALA A 329 0.75 17.92 -7.25
N ILE A 330 0.63 19.16 -6.77
CA ILE A 330 1.08 20.32 -7.53
C ILE A 330 2.61 20.32 -7.63
N GLU A 331 3.31 19.68 -6.69
CA GLU A 331 4.75 19.54 -6.80
C GLU A 331 5.09 18.63 -7.97
N ALA A 332 4.23 17.66 -8.25
CA ALA A 332 4.39 16.80 -9.40
C ALA A 332 4.20 17.55 -10.70
N LEU A 333 3.56 18.72 -10.65
CA LEU A 333 3.55 19.58 -11.82
C LEU A 333 4.86 20.36 -11.93
N PHE A 334 5.35 20.85 -10.80
CA PHE A 334 6.48 21.78 -10.82
C PHE A 334 7.78 21.05 -11.12
N GLN A 335 7.82 19.74 -10.82
CA GLN A 335 8.98 18.95 -11.18
C GLN A 335 8.81 18.30 -12.54
N SER A 336 7.74 18.63 -13.26
CA SER A 336 7.53 17.98 -14.56
C SER A 336 7.83 18.93 -15.71
N ARG A 337 7.16 20.08 -15.76
CA ARG A 337 7.34 21.03 -16.84
C ARG A 337 7.44 22.42 -16.23
N PRO A 338 8.58 23.10 -16.39
CA PRO A 338 8.77 24.40 -15.74
C PRO A 338 8.31 25.58 -16.57
N ASP A 339 7.69 25.34 -17.73
CA ASP A 339 7.19 26.46 -18.54
C ASP A 339 5.99 27.12 -17.88
N ILE A 340 5.19 26.34 -17.15
CA ILE A 340 4.08 26.92 -16.41
C ILE A 340 4.56 27.47 -15.07
N LEU A 341 5.69 26.94 -14.57
CA LEU A 341 6.34 27.54 -13.41
C LEU A 341 6.84 28.94 -13.72
N SER A 342 7.40 29.15 -14.91
CA SER A 342 7.91 30.47 -15.28
C SER A 342 6.86 31.32 -15.99
N LYS A 343 5.74 30.72 -16.40
CA LYS A 343 4.75 31.47 -17.15
C LYS A 343 3.76 32.18 -16.23
N ILE A 344 3.46 31.59 -15.08
CA ILE A 344 2.47 32.17 -14.17
C ILE A 344 3.04 33.40 -13.49
N LYS A 345 2.43 34.55 -13.76
CA LYS A 345 2.81 35.81 -13.14
C LYS A 345 1.63 36.33 -12.33
N PHE A 346 1.95 36.99 -11.21
CA PHE A 346 0.96 37.49 -10.27
C PHE A 346 0.95 39.02 -10.32
N PRO A 347 0.01 39.63 -11.02
CA PRO A 347 0.02 41.08 -11.18
C PRO A 347 -0.57 41.79 -9.98
N GLU A 348 -0.68 43.11 -10.12
CA GLU A 348 -1.16 43.95 -9.03
C GLU A 348 -2.67 43.85 -8.83
N SER A 349 -3.41 43.52 -9.88
CA SER A 349 -4.87 43.56 -9.78
C SER A 349 -5.46 42.20 -9.42
N ILE A 350 -4.69 41.33 -8.75
CA ILE A 350 -5.23 40.05 -8.30
C ILE A 350 -5.13 39.85 -6.80
N TRP A 351 -4.39 40.70 -6.09
CA TRP A 351 -4.25 40.50 -4.65
C TRP A 351 -5.47 41.03 -3.89
N LYS A 352 -6.32 41.81 -4.56
CA LYS A 352 -7.56 42.26 -3.96
C LYS A 352 -8.69 41.26 -4.15
N ASP A 353 -8.60 40.40 -5.18
CA ASP A 353 -9.66 39.48 -5.58
C ASP A 353 -9.16 38.05 -5.62
N PHE A 354 -8.51 37.57 -4.55
CA PHE A 354 -8.04 36.19 -4.49
C PHE A 354 -9.20 35.21 -4.54
N THR A 355 -8.93 34.03 -5.09
CA THR A 355 -9.76 32.87 -4.78
C THR A 355 -8.93 31.88 -3.97
N VAL A 356 -9.56 30.76 -3.61
CA VAL A 356 -8.87 29.74 -2.83
C VAL A 356 -7.79 29.06 -3.67
N GLU A 357 -8.06 28.88 -4.96
CA GLU A 357 -7.13 28.17 -5.83
C GLU A 357 -5.88 28.98 -6.11
N ILE A 358 -6.02 30.28 -6.35
CA ILE A 358 -4.84 31.08 -6.67
C ILE A 358 -4.04 31.41 -5.41
N ALA A 359 -4.68 31.41 -4.23
CA ALA A 359 -3.92 31.53 -2.99
C ALA A 359 -3.12 30.27 -2.72
N PHE A 360 -3.71 29.10 -2.99
CA PHE A 360 -2.96 27.84 -2.91
C PHE A 360 -1.85 27.79 -3.95
N LEU A 361 -2.08 28.39 -5.12
CA LEU A 361 -1.06 28.42 -6.16
C LEU A 361 0.12 29.27 -5.75
N PHE A 362 -0.14 30.45 -5.17
CA PHE A 362 0.93 31.30 -4.66
C PHE A 362 1.71 30.62 -3.55
N ARG A 363 1.00 29.91 -2.67
CA ARG A 363 1.65 29.15 -1.59
C ARG A 363 2.60 28.09 -2.14
N ALA A 364 2.09 27.29 -3.08
CA ALA A 364 2.87 26.20 -3.64
C ALA A 364 4.06 26.72 -4.43
N ILE A 365 3.85 27.79 -5.22
CA ILE A 365 4.91 28.27 -6.09
C ILE A 365 5.99 28.97 -5.28
N TYR A 366 5.62 29.60 -4.16
CA TYR A 366 6.65 30.29 -3.40
C TYR A 366 7.44 29.31 -2.54
N LEU A 367 6.76 28.33 -1.93
CA LEU A 367 7.52 27.39 -1.11
C LEU A 367 8.33 26.43 -1.97
N TYR A 368 7.88 26.14 -3.20
CA TYR A 368 8.69 25.35 -4.11
C TYR A 368 9.87 26.16 -4.64
N CYS A 369 9.68 27.46 -4.84
CA CYS A 369 10.77 28.29 -5.33
C CYS A 369 11.82 28.54 -4.26
N LEU A 370 11.43 28.47 -2.98
CA LEU A 370 12.47 28.57 -1.97
C LEU A 370 13.07 27.19 -1.70
N ASP A 371 12.34 26.12 -2.04
CA ASP A 371 12.87 24.77 -1.91
C ASP A 371 14.04 24.56 -2.89
N ASN A 372 13.92 25.06 -4.11
CA ASN A 372 14.94 24.92 -5.14
C ASN A 372 15.91 26.11 -5.21
N ASN A 373 15.67 27.16 -4.43
CA ASN A 373 16.47 28.39 -4.39
C ASN A 373 16.67 29.05 -5.75
N ILE A 374 15.63 29.05 -6.59
CA ILE A 374 15.65 29.83 -7.81
C ILE A 374 15.58 31.31 -7.43
N THR A 375 16.67 32.04 -7.63
CA THR A 375 16.72 33.42 -7.15
C THR A 375 16.04 34.38 -8.11
N GLU A 376 15.76 33.93 -9.35
CA GLU A 376 15.11 34.79 -10.32
C GLU A 376 13.66 35.07 -9.94
N MET A 377 12.88 34.03 -9.68
CA MET A 377 11.50 34.19 -9.26
C MET A 377 11.38 34.67 -7.82
N LEU A 378 12.42 34.49 -7.00
CA LEU A 378 12.48 35.19 -5.72
C LEU A 378 12.70 36.68 -5.91
N GLU A 379 13.38 37.08 -6.99
CA GLU A 379 13.66 38.49 -7.21
C GLU A 379 12.47 39.23 -7.81
N GLU A 380 12.05 38.85 -9.02
CA GLU A 380 10.94 39.52 -9.67
C GLU A 380 9.67 38.70 -9.44
N ASN A 381 8.56 39.22 -9.95
CA ASN A 381 7.26 38.55 -10.08
C ASN A 381 6.56 38.23 -8.76
N PHE A 382 7.21 38.50 -7.64
CA PHE A 382 6.68 38.31 -6.30
C PHE A 382 6.73 39.63 -5.53
N PRO A 383 5.74 39.92 -4.70
CA PRO A 383 5.72 41.21 -4.01
C PRO A 383 6.65 41.22 -2.80
N GLU A 384 7.08 42.42 -2.45
CA GLU A 384 7.89 42.63 -1.24
C GLU A 384 7.02 42.36 -0.01
N ALA A 385 7.68 42.08 1.12
CA ALA A 385 7.03 41.50 2.29
C ALA A 385 5.96 42.39 2.90
N SER A 386 6.11 43.72 2.79
CA SER A 386 5.11 44.62 3.33
C SER A 386 3.81 44.56 2.53
N LYS A 387 3.93 44.28 1.22
CA LYS A 387 2.73 44.19 0.38
C LYS A 387 1.94 42.93 0.69
N LEU A 388 2.62 41.80 0.91
CA LEU A 388 1.95 40.58 1.35
C LEU A 388 1.42 40.74 2.76
N SER A 389 2.07 41.57 3.59
CA SER A 389 1.54 41.87 4.91
C SER A 389 0.25 42.66 4.82
N GLU A 390 0.18 43.57 3.85
CA GLU A 390 -1.06 44.30 3.58
C GLU A 390 -2.17 43.35 3.14
N HIS A 391 -1.84 42.37 2.28
CA HIS A 391 -2.86 41.40 1.86
C HIS A 391 -3.32 40.52 3.00
N LEU A 392 -2.39 40.12 3.87
CA LEU A 392 -2.72 39.26 5.00
C LEU A 392 -3.60 39.99 5.99
N ASN A 393 -3.26 41.24 6.33
CA ASN A 393 -4.08 42.01 7.26
C ASN A 393 -5.42 42.35 6.65
N HIS A 394 -5.47 42.54 5.32
CA HIS A 394 -6.73 42.73 4.62
C HIS A 394 -7.66 41.55 4.79
N TYR A 395 -7.14 40.33 4.61
CA TYR A 395 -8.01 39.16 4.72
C TYR A 395 -8.35 38.82 6.16
N ILE A 396 -7.45 39.10 7.10
CA ILE A 396 -7.73 38.86 8.52
C ILE A 396 -8.80 39.84 9.02
N LEU A 397 -8.73 41.11 8.59
CA LEU A 397 -9.74 42.06 9.00
C LEU A 397 -11.06 41.83 8.28
N LEU A 398 -11.01 41.31 7.04
CA LEU A 398 -12.24 41.06 6.32
C LEU A 398 -12.93 39.79 6.83
N ARG A 399 -12.18 38.91 7.49
CA ARG A 399 -12.82 37.75 8.09
C ARG A 399 -13.30 38.01 9.52
N TYR A 400 -12.45 38.56 10.38
CA TYR A 400 -12.77 38.58 11.81
C TYR A 400 -13.14 39.94 12.37
N HIS A 401 -12.81 41.06 11.70
CA HIS A 401 -13.20 42.40 12.14
C HIS A 401 -14.42 42.89 11.37
N HIS A 402 -15.36 41.97 11.11
CA HIS A 402 -16.42 42.20 10.11
C HIS A 402 -17.37 43.33 10.49
N ASN A 403 -18.00 43.22 11.65
CA ASN A 403 -18.99 44.22 12.06
C ASN A 403 -18.66 44.82 13.42
N HIS A 412 -20.60 35.04 -0.97
CA HIS A 412 -19.35 35.54 -1.50
C HIS A 412 -18.23 35.24 -0.51
N PHE A 413 -18.04 36.13 0.47
CA PHE A 413 -16.97 36.00 1.45
C PHE A 413 -17.37 35.02 2.56
N ASP A 414 -17.36 33.74 2.20
CA ASP A 414 -17.69 32.68 3.15
C ASP A 414 -16.54 32.51 4.13
N TYR A 415 -16.84 32.03 5.34
CA TYR A 415 -15.82 31.89 6.37
C TYR A 415 -14.79 30.83 6.03
N ASN A 416 -15.21 29.73 5.40
CA ASN A 416 -14.30 28.63 5.10
C ASN A 416 -13.30 29.03 4.01
N THR A 417 -13.75 29.78 3.01
CA THR A 417 -12.85 30.25 1.97
C THR A 417 -11.86 31.29 2.49
N LEU A 418 -12.31 32.18 3.37
CA LEU A 418 -11.42 33.20 3.91
C LEU A 418 -10.37 32.58 4.83
N GLU A 419 -10.77 31.60 5.63
CA GLU A 419 -9.82 30.87 6.46
C GLU A 419 -8.75 30.17 5.63
N PHE A 420 -9.16 29.59 4.50
CA PHE A 420 -8.22 28.95 3.60
C PHE A 420 -7.27 29.95 2.96
N ILE A 421 -7.78 31.12 2.55
CA ILE A 421 -6.92 32.12 1.93
C ILE A 421 -5.90 32.65 2.92
N ILE A 422 -6.30 32.83 4.18
CA ILE A 422 -5.35 33.29 5.19
C ILE A 422 -4.33 32.20 5.50
N GLU A 423 -4.73 30.92 5.47
CA GLU A 423 -3.75 29.88 5.79
C GLU A 423 -2.76 29.65 4.64
N GLN A 424 -3.21 29.79 3.39
CA GLN A 424 -2.28 29.68 2.26
C GLN A 424 -1.29 30.84 2.25
N LEU A 425 -1.76 32.06 2.51
CA LEU A 425 -0.81 33.17 2.53
C LEU A 425 0.06 33.15 3.80
N SER A 426 -0.38 32.46 4.85
CA SER A 426 0.48 32.35 6.03
C SER A 426 1.57 31.30 5.80
N ILE A 427 1.28 30.23 5.07
CA ILE A 427 2.34 29.30 4.68
C ILE A 427 3.26 29.96 3.66
N ALA A 428 2.73 30.85 2.83
CA ALA A 428 3.57 31.67 1.97
C ALA A 428 4.45 32.61 2.80
N ALA A 429 3.97 33.01 3.96
CA ALA A 429 4.71 33.95 4.79
C ALA A 429 5.72 33.28 5.72
N GLU A 430 5.55 31.98 6.04
CA GLU A 430 6.40 31.38 7.07
C GLU A 430 7.83 31.14 6.62
N ARG A 431 8.15 31.33 5.36
CA ARG A 431 9.52 31.18 4.89
C ARG A 431 9.84 32.37 3.99
N TYR A 432 9.58 33.57 4.48
CA TYR A 432 9.72 34.75 3.63
C TYR A 432 11.06 35.43 3.92
N ASP A 433 11.41 36.39 3.07
CA ASP A 433 12.71 37.05 3.13
C ASP A 433 12.84 38.00 4.31
N TYR A 434 13.75 37.66 5.23
CA TYR A 434 13.94 38.41 6.46
C TYR A 434 14.61 39.76 6.22
N SER A 435 15.22 39.94 5.04
CA SER A 435 16.18 41.02 4.79
C SER A 435 15.60 42.42 4.92
N ASP A 436 14.31 42.60 4.60
CA ASP A 436 13.68 43.90 4.86
C ASP A 436 13.18 43.96 6.28
N GLU A 437 13.67 44.93 7.06
CA GLU A 437 13.18 45.09 8.43
C GLU A 437 11.76 45.64 8.44
N VAL A 438 11.37 46.37 7.40
CA VAL A 438 10.00 46.87 7.31
C VAL A 438 9.03 45.72 7.07
N GLY A 439 9.47 44.69 6.34
CA GLY A 439 8.60 43.54 6.09
C GLY A 439 8.43 42.67 7.32
N ARG A 440 9.52 42.48 8.06
CA ARG A 440 9.45 41.75 9.33
C ARG A 440 8.58 42.48 10.34
N ARG A 441 8.74 43.82 10.42
CA ARG A 441 7.93 44.62 11.33
C ARG A 441 6.45 44.57 10.96
N SER A 442 6.15 44.68 9.66
CA SER A 442 4.77 44.67 9.20
C SER A 442 4.11 43.31 9.44
N MET A 443 4.79 42.22 9.09
CA MET A 443 4.20 40.91 9.25
C MET A 443 4.13 40.49 10.72
N LEU A 444 5.03 41.02 11.54
CA LEU A 444 4.92 40.77 12.98
C LEU A 444 3.72 41.49 13.57
N THR A 445 3.43 42.72 13.13
CA THR A 445 2.21 43.38 13.57
C THR A 445 0.95 42.65 13.07
N VAL A 446 0.98 42.14 11.84
CA VAL A 446 -0.20 41.45 11.32
C VAL A 446 -0.45 40.13 12.05
N VAL A 447 0.61 39.37 12.32
CA VAL A 447 0.45 38.11 13.04
C VAL A 447 0.11 38.34 14.50
N ARG A 448 0.65 39.41 15.11
CA ARG A 448 0.29 39.74 16.48
C ARG A 448 -1.16 40.21 16.59
N ASN A 449 -1.68 40.85 15.54
CA ASN A 449 -3.06 41.31 15.58
C ASN A 449 -4.03 40.24 15.10
N MET A 450 -3.52 39.15 14.53
CA MET A 450 -4.38 38.05 14.13
C MET A 450 -4.49 36.99 15.22
N LEU A 451 -3.37 36.64 15.84
CA LEU A 451 -3.41 35.60 16.87
C LEU A 451 -4.01 36.08 18.19
N ALA A 452 -4.28 37.38 18.33
CA ALA A 452 -4.94 37.86 19.53
C ALA A 452 -6.46 37.72 19.44
N LEU A 453 -6.97 37.27 18.30
CA LEU A 453 -8.41 37.12 18.11
C LEU A 453 -8.92 35.93 18.91
N THR A 454 -10.08 36.10 19.55
CA THR A 454 -10.68 35.02 20.32
C THR A 454 -11.23 33.95 19.40
N THR A 455 -11.99 34.33 18.38
CA THR A 455 -12.68 33.40 17.51
C THR A 455 -11.81 32.89 16.38
N LEU A 456 -10.49 32.92 16.54
CA LEU A 456 -9.57 32.41 15.54
C LEU A 456 -9.62 30.88 15.51
N SER A 457 -9.71 30.32 14.32
CA SER A 457 -9.82 28.88 14.17
C SER A 457 -8.46 28.20 14.37
N GLU A 458 -8.48 26.87 14.51
CA GLU A 458 -7.31 26.14 14.98
C GLU A 458 -6.16 25.97 13.97
N PRO A 459 -6.36 25.61 12.68
CA PRO A 459 -5.19 25.53 11.78
C PRO A 459 -4.55 26.88 11.53
N LEU A 460 -5.34 27.95 11.57
CA LEU A 460 -4.77 29.28 11.43
C LEU A 460 -4.04 29.70 12.69
N ILE A 461 -4.45 29.20 13.86
CA ILE A 461 -3.66 29.36 15.08
C ILE A 461 -2.30 28.70 14.92
N LYS A 462 -2.30 27.49 14.37
CA LYS A 462 -1.07 26.72 14.19
C LYS A 462 -0.10 27.42 13.23
N ILE A 463 -0.61 27.85 12.08
CA ILE A 463 0.31 28.43 11.10
C ILE A 463 0.68 29.87 11.48
N GLY A 464 -0.18 30.56 12.24
CA GLY A 464 0.20 31.86 12.75
C GLY A 464 1.29 31.79 13.79
N ILE A 465 1.23 30.78 14.67
CA ILE A 465 2.30 30.57 15.63
C ILE A 465 3.58 30.13 14.91
N ARG A 466 3.42 29.41 13.79
CA ARG A 466 4.56 29.02 12.98
C ARG A 466 5.25 30.22 12.34
N VAL A 467 4.47 31.18 11.82
CA VAL A 467 5.06 32.38 11.24
C VAL A 467 5.68 33.26 12.31
N MET A 468 5.04 33.34 13.48
CA MET A 468 5.60 34.16 14.56
C MET A 468 6.87 33.54 15.13
N LYS A 469 7.05 32.24 14.95
CA LYS A 469 8.36 31.63 15.22
C LYS A 469 9.35 31.94 14.10
N SER A 470 8.90 31.83 12.86
CA SER A 470 9.82 31.87 11.73
C SER A 470 10.07 33.29 11.25
N LEU A 471 9.62 34.29 11.99
CA LEU A 471 9.93 35.66 11.62
C LEU A 471 10.46 36.47 12.79
N SER A 472 10.59 35.87 13.96
CA SER A 472 11.33 36.52 15.03
C SER A 472 12.83 36.29 14.83
N ILE A 473 13.64 36.89 15.71
CA ILE A 473 15.09 36.80 15.52
C ILE A 473 15.64 35.49 16.07
N ASN A 474 14.91 34.87 16.99
CA ASN A 474 15.38 33.67 17.67
C ASN A 474 14.19 32.97 18.30
N GLU A 475 14.50 32.00 19.16
CA GLU A 475 13.45 31.27 19.85
C GLU A 475 12.95 32.02 21.07
N LYS A 476 13.79 32.89 21.65
CA LYS A 476 13.38 33.61 22.85
C LYS A 476 12.36 34.70 22.52
N ASP A 477 12.50 35.33 21.36
CA ASP A 477 11.53 36.35 20.95
C ASP A 477 10.18 35.71 20.63
N PHE A 478 10.20 34.52 20.02
CA PHE A 478 8.96 33.81 19.76
C PHE A 478 8.30 33.33 21.05
N VAL A 479 9.12 32.91 22.03
CA VAL A 479 8.59 32.52 23.33
C VAL A 479 7.92 33.70 24.04
N THR A 480 8.59 34.86 24.06
CA THR A 480 7.99 35.99 24.79
C THR A 480 6.81 36.58 24.03
N MET A 481 6.81 36.48 22.70
CA MET A 481 5.66 36.96 21.94
C MET A 481 4.44 36.07 22.12
N ALA A 482 4.65 34.74 22.11
CA ALA A 482 3.52 33.83 22.29
C ALA A 482 2.99 33.86 23.72
N ILE A 483 3.89 34.01 24.71
CA ILE A 483 3.46 34.15 26.09
C ILE A 483 2.69 35.46 26.28
N GLU A 484 3.12 36.53 25.59
CA GLU A 484 2.40 37.81 25.61
C GLU A 484 1.00 37.66 25.04
N ILE A 485 0.86 36.97 23.90
CA ILE A 485 -0.44 36.81 23.26
C ILE A 485 -1.38 35.95 24.12
N ILE A 486 -0.86 34.87 24.70
CA ILE A 486 -1.71 33.97 25.48
C ILE A 486 -2.13 34.62 26.80
N ASN A 487 -1.21 35.35 27.44
CA ASN A 487 -1.58 36.07 28.65
C ASN A 487 -2.53 37.23 28.36
N ASP A 488 -2.45 37.82 27.16
CA ASP A 488 -3.42 38.84 26.78
C ASP A 488 -4.81 38.25 26.61
N ILE A 489 -4.91 37.06 26.01
CA ILE A 489 -6.22 36.43 25.85
C ILE A 489 -6.75 35.95 27.19
N ARG A 490 -5.88 35.66 28.16
CA ARG A 490 -6.36 35.33 29.50
C ARG A 490 -6.87 36.58 30.23
N ASP A 491 -6.14 37.71 30.09
CA ASP A 491 -6.57 38.94 30.76
C ASP A 491 -7.85 39.49 30.17
N ASP A 492 -8.08 39.26 28.87
CA ASP A 492 -9.34 39.64 28.25
C ASP A 492 -10.52 38.92 28.87
N ASP A 493 -10.33 37.68 29.31
CA ASP A 493 -11.43 36.96 29.95
C ASP A 493 -11.56 37.32 31.41
N ILE A 494 -10.45 37.61 32.10
CA ILE A 494 -10.58 37.92 33.53
C ILE A 494 -11.20 39.31 33.72
N GLU A 495 -11.03 40.19 32.73
CA GLU A 495 -11.71 41.49 32.80
C GLU A 495 -13.21 41.35 32.60
N LYS A 496 -13.65 40.51 31.65
CA LYS A 496 -15.08 40.31 31.43
C LYS A 496 -15.70 39.47 32.54
N GLN A 497 -14.90 38.69 33.26
CA GLN A 497 -15.42 38.03 34.46
C GLN A 497 -15.55 39.01 35.61
N GLU A 498 -14.64 39.99 35.68
CA GLU A 498 -14.72 40.98 36.74
C GLU A 498 -15.87 41.96 36.51
N GLN A 499 -16.17 42.26 35.25
CA GLN A 499 -17.01 43.42 34.92
C GLN A 499 -18.48 43.06 34.76
N GLU A 500 -18.81 41.80 34.43
CA GLU A 500 -20.14 41.49 33.94
C GLU A 500 -21.15 41.15 35.04
N GLU A 501 -20.98 41.66 36.26
CA GLU A 501 -22.05 41.49 37.24
C GLU A 501 -23.00 42.68 37.27
N LYS A 502 -22.46 43.88 37.54
CA LYS A 502 -23.22 45.13 37.66
C LYS A 502 -24.40 45.07 38.63
N GLU A 567 -14.58 32.33 41.29
CA GLU A 567 -14.94 33.63 40.75
C GLU A 567 -13.85 34.19 39.84
N LYS A 568 -12.65 34.36 40.41
CA LYS A 568 -11.57 35.05 39.71
C LYS A 568 -10.66 34.06 38.97
N GLU A 569 -11.30 33.26 38.12
CA GLU A 569 -10.61 32.32 37.25
C GLU A 569 -11.20 32.42 35.86
N ALA A 570 -10.42 32.01 34.86
CA ALA A 570 -10.88 32.07 33.48
C ALA A 570 -11.92 30.99 33.23
N SER A 571 -12.60 31.10 32.09
CA SER A 571 -13.66 30.16 31.77
C SER A 571 -13.07 28.87 31.20
N SER A 572 -13.95 28.02 30.68
CA SER A 572 -13.49 26.79 30.04
C SER A 572 -13.06 27.06 28.60
N ALA A 573 -13.80 27.90 27.88
CA ALA A 573 -13.51 28.13 26.47
C ALA A 573 -12.22 28.93 26.29
N THR A 574 -11.93 29.85 27.20
CA THR A 574 -10.69 30.61 27.08
C THR A 574 -9.49 29.80 27.55
N ILE A 575 -9.70 28.85 28.47
CA ILE A 575 -8.63 27.90 28.80
C ILE A 575 -8.34 27.00 27.61
N VAL A 576 -9.38 26.61 26.86
CA VAL A 576 -9.17 25.84 25.64
C VAL A 576 -8.42 26.66 24.60
N LEU A 577 -8.81 27.92 24.43
CA LEU A 577 -8.15 28.76 23.42
C LEU A 577 -6.72 29.13 23.81
N CYS A 578 -6.42 29.19 25.10
CA CYS A 578 -5.05 29.44 25.53
C CYS A 578 -4.19 28.19 25.37
N LEU A 579 -4.75 27.02 25.71
CA LEU A 579 -3.98 25.78 25.61
C LEU A 579 -3.73 25.37 24.16
N THR A 580 -4.65 25.70 23.24
CA THR A 580 -4.41 25.37 21.84
C THR A 580 -3.30 26.23 21.25
N ARG A 581 -3.14 27.46 21.74
CA ARG A 581 -2.02 28.27 21.30
C ARG A 581 -0.73 27.81 21.95
N SER A 582 -0.80 27.40 23.22
CA SER A 582 0.38 26.93 23.93
C SER A 582 0.91 25.63 23.36
N SER A 583 0.02 24.79 22.82
CA SER A 583 0.44 23.53 22.21
C SER A 583 1.32 23.77 20.99
N TYR A 584 0.85 24.58 20.05
CA TYR A 584 1.65 24.87 18.87
C TYR A 584 2.83 25.80 19.18
N MET A 585 2.80 26.52 20.29
CA MET A 585 3.98 27.28 20.68
C MET A 585 5.08 26.35 21.17
N LEU A 586 4.75 25.46 22.12
CA LEU A 586 5.77 24.58 22.69
C LEU A 586 6.12 23.43 21.77
N GLU A 587 5.38 23.27 20.66
CA GLU A 587 5.82 22.37 19.61
C GLU A 587 7.13 22.83 18.98
N LEU A 588 7.37 24.14 18.95
CA LEU A 588 8.48 24.70 18.21
C LEU A 588 9.57 25.29 19.09
N VAL A 589 9.56 25.04 20.39
CA VAL A 589 10.67 25.46 21.24
C VAL A 589 11.64 24.29 21.38
N ASN A 590 12.93 24.58 21.18
CA ASN A 590 13.96 23.55 21.19
C ASN A 590 15.11 23.84 22.15
N THR A 591 14.84 24.17 23.39
CA THR A 591 15.89 24.49 24.34
C THR A 591 15.45 24.07 25.75
N PRO A 592 16.38 23.86 26.67
CA PRO A 592 16.00 23.69 28.07
C PRO A 592 15.33 24.94 28.65
N LEU A 593 14.67 24.75 29.79
CA LEU A 593 13.72 25.75 30.25
C LEU A 593 14.23 26.52 31.46
N THR A 594 15.54 26.50 31.70
CA THR A 594 16.07 27.23 32.85
C THR A 594 16.11 28.73 32.58
N GLU A 595 16.49 29.13 31.37
CA GLU A 595 16.58 30.54 31.01
C GLU A 595 15.40 31.05 30.21
N ASN A 596 14.28 30.32 30.21
CA ASN A 596 13.09 30.67 29.43
C ASN A 596 11.86 30.71 30.34
N ILE A 597 11.96 31.46 31.44
CA ILE A 597 11.11 31.37 32.62
C ILE A 597 9.63 31.70 32.36
N LEU A 598 9.31 32.20 31.16
CA LEU A 598 7.91 32.47 30.84
C LEU A 598 7.12 31.17 30.64
N ILE A 599 7.80 30.10 30.19
CA ILE A 599 7.13 28.82 30.05
C ILE A 599 6.81 28.22 31.42
N ALA A 600 7.70 28.44 32.39
CA ALA A 600 7.43 27.97 33.75
C ALA A 600 6.27 28.71 34.39
N SER A 601 6.16 30.02 34.11
CA SER A 601 5.03 30.79 34.61
C SER A 601 3.72 30.37 33.94
N LEU A 602 3.79 30.06 32.64
CA LEU A 602 2.62 29.55 31.93
C LEU A 602 2.19 28.19 32.48
N MET A 603 3.16 27.36 32.86
CA MET A 603 2.84 26.05 33.40
C MET A 603 2.23 26.15 34.79
N ASP A 604 2.82 26.97 35.66
CA ASP A 604 2.33 27.06 37.03
C ASP A 604 1.03 27.88 37.08
N THR A 605 0.72 28.62 36.03
CA THR A 605 -0.56 29.31 35.97
C THR A 605 -1.64 28.46 35.29
N LEU A 606 -1.31 27.80 34.18
CA LEU A 606 -2.34 27.20 33.35
C LEU A 606 -2.27 25.69 33.25
N ILE A 607 -1.10 25.12 32.95
CA ILE A 607 -1.02 23.71 32.56
C ILE A 607 -1.23 22.78 33.76
N THR A 608 -0.57 23.08 34.87
CA THR A 608 -0.80 22.32 36.10
C THR A 608 -2.22 22.50 36.64
N PRO A 609 -2.88 23.67 36.53
CA PRO A 609 -4.34 23.66 36.75
C PRO A 609 -5.16 23.22 35.55
N ALA A 610 -4.54 22.64 34.51
CA ALA A 610 -5.33 22.03 33.45
C ALA A 610 -5.30 20.51 33.54
N VAL A 611 -4.20 19.95 34.04
CA VAL A 611 -4.10 18.50 34.24
C VAL A 611 -5.02 18.02 35.35
N ARG A 612 -5.07 18.74 36.47
CA ARG A 612 -5.90 18.38 37.60
C ARG A 612 -7.39 18.68 37.42
N ASN A 613 -7.82 19.10 36.25
CA ASN A 613 -9.22 19.42 36.01
C ASN A 613 -10.01 18.13 35.81
N THR A 614 -11.33 18.27 35.60
CA THR A 614 -12.21 17.13 35.42
C THR A 614 -13.01 17.17 34.12
N ALA A 615 -12.59 17.95 33.14
CA ALA A 615 -13.24 18.01 31.84
C ALA A 615 -12.52 17.05 30.88
N PRO A 616 -13.17 16.61 29.78
CA PRO A 616 -12.45 15.75 28.83
C PRO A 616 -11.37 16.47 28.03
N ASN A 617 -11.74 17.57 27.38
CA ASN A 617 -10.83 18.22 26.45
C ASN A 617 -9.76 19.01 27.19
N ILE A 618 -10.12 19.59 28.33
CA ILE A 618 -9.15 20.30 29.16
C ILE A 618 -8.08 19.33 29.68
N ARG A 619 -8.50 18.13 30.10
CA ARG A 619 -7.52 17.15 30.58
C ARG A 619 -6.67 16.61 29.44
N GLU A 620 -7.26 16.43 28.25
CA GLU A 620 -6.52 15.94 27.10
C GLU A 620 -5.43 16.92 26.67
N LEU A 621 -5.81 18.19 26.49
CA LEU A 621 -4.82 19.20 26.13
C LEU A 621 -3.86 19.48 27.27
N GLY A 622 -4.28 19.25 28.52
CA GLY A 622 -3.37 19.43 29.63
C GLY A 622 -2.27 18.40 29.66
N VAL A 623 -2.62 17.14 29.37
CA VAL A 623 -1.61 16.09 29.30
C VAL A 623 -0.71 16.30 28.09
N LYS A 624 -1.28 16.74 26.96
CA LYS A 624 -0.45 16.99 25.77
C LYS A 624 0.51 18.14 25.98
N ASN A 625 0.05 19.22 26.61
CA ASN A 625 0.93 20.36 26.90
C ASN A 625 1.95 20.01 27.97
N LEU A 626 1.57 19.13 28.91
CA LEU A 626 2.52 18.67 29.90
C LEU A 626 3.60 17.83 29.27
N GLY A 627 3.25 17.06 28.25
CA GLY A 627 4.25 16.28 27.54
C GLY A 627 5.18 17.13 26.70
N LEU A 628 4.63 18.17 26.06
CA LEU A 628 5.47 19.06 25.27
C LEU A 628 6.34 19.93 26.17
N CYS A 629 5.97 20.08 27.44
CA CYS A 629 6.88 20.70 28.40
C CYS A 629 7.88 19.69 28.93
N CYS A 630 7.50 18.41 28.97
CA CYS A 630 8.39 17.39 29.53
C CYS A 630 9.44 16.97 28.53
N LEU A 631 9.22 17.27 27.25
CA LEU A 631 10.26 17.09 26.24
C LEU A 631 11.29 18.20 26.26
N LEU A 632 11.30 19.05 27.29
CA LEU A 632 12.21 20.19 27.39
C LEU A 632 12.92 20.23 28.73
N ASP A 633 12.53 19.40 29.70
CA ASP A 633 13.16 19.40 31.02
C ASP A 633 12.95 18.02 31.61
N VAL A 634 13.90 17.56 32.41
CA VAL A 634 13.88 16.17 32.87
C VAL A 634 13.27 16.06 34.26
N LYS A 635 13.36 17.12 35.06
CA LYS A 635 12.79 17.08 36.40
C LYS A 635 11.27 17.12 36.34
N LEU A 636 10.73 17.80 35.33
CA LEU A 636 9.28 17.79 35.13
C LEU A 636 8.79 16.43 34.70
N ALA A 637 9.55 15.73 33.86
CA ALA A 637 9.18 14.39 33.44
C ALA A 637 9.22 13.41 34.59
N ILE A 638 10.27 13.50 35.42
CA ILE A 638 10.39 12.60 36.56
C ILE A 638 9.37 12.98 37.64
N ASP A 639 8.82 14.19 37.58
CA ASP A 639 7.72 14.54 38.46
C ASP A 639 6.41 13.92 37.99
N ASN A 640 6.03 14.15 36.73
CA ASN A 640 4.67 13.81 36.34
C ASN A 640 4.53 12.48 35.61
N MET A 641 5.59 11.66 35.56
CA MET A 641 5.45 10.32 34.97
C MET A 641 4.49 9.45 35.78
N TYR A 642 4.38 9.70 37.09
CA TYR A 642 3.45 8.94 37.92
C TYR A 642 2.00 9.23 37.56
N ILE A 643 1.66 10.51 37.42
CA ILE A 643 0.28 10.86 37.10
C ILE A 643 -0.02 10.51 35.65
N LEU A 644 0.99 10.50 34.77
CA LEU A 644 0.79 9.98 33.43
C LEU A 644 0.50 8.49 33.43
N GLY A 645 1.20 7.74 34.28
CA GLY A 645 0.96 6.30 34.36
C GLY A 645 -0.39 5.96 34.96
N MET A 646 -0.79 6.71 35.99
CA MET A 646 -2.10 6.47 36.60
C MET A 646 -3.23 6.89 35.65
N CYS A 647 -3.02 7.94 34.85
CA CYS A 647 -4.08 8.40 33.97
C CYS A 647 -4.09 7.63 32.65
N VAL A 648 -3.05 6.83 32.37
CA VAL A 648 -3.13 5.90 31.26
C VAL A 648 -3.54 4.51 31.74
N SER A 649 -3.50 4.25 33.05
CA SER A 649 -3.99 2.99 33.60
C SER A 649 -5.43 3.03 34.07
N LYS A 650 -6.00 4.20 34.37
CA LYS A 650 -7.38 4.28 34.83
C LYS A 650 -8.18 5.40 34.17
N GLY A 651 -8.09 5.57 32.86
CA GLY A 651 -8.80 6.64 32.21
C GLY A 651 -9.50 6.21 30.94
N ASN A 652 -10.08 7.20 30.27
CA ASN A 652 -10.83 6.93 29.05
C ASN A 652 -9.90 6.83 27.85
N ALA A 653 -10.50 6.85 26.65
CA ALA A 653 -9.79 6.46 25.44
C ALA A 653 -8.76 7.52 25.01
N SER A 654 -9.20 8.77 24.86
CA SER A 654 -8.33 9.80 24.29
C SER A 654 -7.24 10.21 25.27
N LEU A 655 -7.53 10.16 26.56
CA LEU A 655 -6.51 10.46 27.56
C LEU A 655 -5.45 9.37 27.59
N LYS A 656 -5.85 8.12 27.39
CA LYS A 656 -4.88 7.03 27.32
C LYS A 656 -4.03 7.12 26.07
N TYR A 657 -4.65 7.53 24.96
CA TYR A 657 -3.95 7.84 23.71
C TYR A 657 -2.84 8.88 23.93
N ILE A 658 -3.22 10.06 24.44
CA ILE A 658 -2.28 11.17 24.56
C ILE A 658 -1.24 10.88 25.64
N ALA A 659 -1.64 10.23 26.74
CA ALA A 659 -0.70 9.94 27.81
C ALA A 659 0.29 8.86 27.39
N LEU A 660 -0.13 7.90 26.57
CA LEU A 660 0.79 6.90 26.07
C LEU A 660 1.80 7.51 25.10
N GLN A 661 1.32 8.43 24.25
CA GLN A 661 2.24 9.14 23.35
C GLN A 661 3.25 9.96 24.13
N VAL A 662 2.81 10.58 25.22
CA VAL A 662 3.70 11.38 26.05
C VAL A 662 4.72 10.51 26.78
N ILE A 663 4.30 9.34 27.27
CA ILE A 663 5.22 8.43 27.97
C ILE A 663 6.29 7.91 27.02
N VAL A 664 5.86 7.47 25.83
CA VAL A 664 6.79 7.02 24.78
C VAL A 664 7.76 8.13 24.40
N ASP A 665 7.26 9.37 24.27
CA ASP A 665 8.11 10.45 23.80
C ASP A 665 9.08 10.93 24.89
N ILE A 666 8.65 10.87 26.16
CA ILE A 666 9.53 11.21 27.27
C ILE A 666 10.69 10.24 27.35
N PHE A 667 10.38 8.93 27.27
CA PHE A 667 11.43 7.92 27.15
C PHE A 667 12.32 8.16 25.95
N SER A 668 11.73 8.46 24.80
CA SER A 668 12.47 8.55 23.54
C SER A 668 13.42 9.73 23.51
N VAL A 669 13.06 10.83 24.14
CA VAL A 669 13.96 11.97 24.20
C VAL A 669 14.95 11.80 25.34
N HIS A 670 14.45 11.58 26.55
CA HIS A 670 15.28 11.70 27.74
C HIS A 670 16.05 10.43 28.09
N GLY A 671 15.90 9.35 27.33
CA GLY A 671 16.68 8.18 27.71
C GLY A 671 16.04 7.43 28.86
N ASN A 672 16.88 6.88 29.72
CA ASN A 672 16.41 6.10 30.84
C ASN A 672 16.78 6.69 32.15
N THR A 673 16.77 8.02 32.28
CA THR A 673 16.79 8.62 33.59
C THR A 673 15.38 8.86 34.11
N VAL A 674 14.37 8.29 33.44
CA VAL A 674 12.99 8.45 33.82
C VAL A 674 12.51 7.28 34.69
N VAL A 675 13.24 6.16 34.69
CA VAL A 675 12.83 4.98 35.45
C VAL A 675 14.04 4.39 36.18
N ASP A 676 13.73 3.52 37.15
CA ASP A 676 14.69 2.74 37.94
C ASP A 676 15.67 3.64 38.69
N GLY A 677 15.12 4.38 39.65
CA GLY A 677 15.94 5.20 40.51
C GLY A 677 15.16 5.65 41.72
N GLU A 678 15.75 6.58 42.46
CA GLU A 678 15.07 7.12 43.64
C GLU A 678 14.13 8.26 43.23
N GLY A 679 12.95 8.29 43.83
CA GLY A 679 11.93 9.25 43.49
C GLY A 679 11.22 9.01 42.17
N LYS A 680 11.69 8.09 41.34
CA LYS A 680 11.15 7.84 40.02
C LYS A 680 9.94 6.92 40.10
N VAL A 681 9.47 6.50 38.93
CA VAL A 681 8.49 5.43 38.85
C VAL A 681 9.23 4.11 38.61
N ASP A 682 8.81 3.06 39.32
CA ASP A 682 9.38 1.74 39.12
C ASP A 682 8.97 1.22 37.75
N SER A 683 9.95 0.77 36.97
CA SER A 683 9.69 0.48 35.56
C SER A 683 8.88 -0.80 35.38
N ILE A 684 8.86 -1.67 36.39
CA ILE A 684 8.05 -2.88 36.32
C ILE A 684 6.57 -2.52 36.35
N SER A 685 6.22 -1.46 37.08
CA SER A 685 4.85 -0.97 37.07
C SER A 685 4.48 -0.41 35.71
N LEU A 686 5.44 0.25 35.04
CA LEU A 686 5.17 0.76 33.71
C LEU A 686 5.09 -0.37 32.69
N HIS A 687 5.83 -1.45 32.91
CA HIS A 687 5.71 -2.61 32.04
C HIS A 687 4.37 -3.31 32.23
N LYS A 688 3.85 -3.30 33.45
CA LYS A 688 2.52 -3.86 33.69
C LYS A 688 1.44 -2.99 33.07
N ILE A 689 1.65 -1.67 33.08
CA ILE A 689 0.72 -0.77 32.39
C ILE A 689 0.77 -0.98 30.88
N PHE A 690 1.98 -1.16 30.35
CA PHE A 690 2.16 -1.49 28.94
C PHE A 690 1.53 -2.84 28.60
N TYR A 691 1.59 -3.80 29.52
CA TYR A 691 0.94 -5.09 29.35
C TYR A 691 -0.57 -4.94 29.27
N LYS A 692 -1.14 -4.15 30.18
CA LYS A 692 -2.59 -3.99 30.23
C LYS A 692 -3.12 -3.23 29.02
N VAL A 693 -2.32 -2.33 28.46
CA VAL A 693 -2.70 -1.70 27.19
C VAL A 693 -2.54 -2.69 26.05
N LEU A 694 -1.45 -3.46 26.06
CA LEU A 694 -1.07 -4.27 24.92
C LEU A 694 -1.93 -5.53 24.78
N LYS A 695 -2.57 -5.97 25.86
CA LYS A 695 -3.44 -7.14 25.76
C LYS A 695 -4.90 -6.74 25.60
N ASN A 696 -5.19 -5.45 25.44
CA ASN A 696 -6.56 -4.95 25.39
C ASN A 696 -6.98 -4.80 23.93
N ASN A 697 -7.82 -5.71 23.46
CA ASN A 697 -8.30 -5.66 22.09
C ASN A 697 -9.34 -4.58 21.87
N GLY A 698 -10.08 -4.20 22.92
CA GLY A 698 -11.12 -3.19 22.79
C GLY A 698 -10.63 -1.78 22.54
N LEU A 699 -9.33 -1.53 22.75
CA LEU A 699 -8.71 -0.25 22.42
C LEU A 699 -7.75 -0.48 21.27
N PRO A 700 -8.19 -0.29 20.03
CA PRO A 700 -7.32 -0.57 18.88
C PRO A 700 -6.17 0.39 18.72
N GLU A 701 -6.45 1.70 18.69
CA GLU A 701 -5.43 2.67 18.34
C GLU A 701 -4.48 2.91 19.50
N CYS A 702 -4.96 2.71 20.73
CA CYS A 702 -4.08 2.76 21.89
C CYS A 702 -3.08 1.61 21.84
N GLN A 703 -3.54 0.43 21.40
CA GLN A 703 -2.64 -0.70 21.21
C GLN A 703 -1.65 -0.43 20.07
N VAL A 704 -2.09 0.29 19.05
CA VAL A 704 -1.23 0.57 17.90
C VAL A 704 -0.10 1.52 18.28
N ILE A 705 -0.44 2.61 18.97
CA ILE A 705 0.61 3.52 19.43
C ILE A 705 1.46 2.87 20.52
N ALA A 706 0.91 1.92 21.28
CA ALA A 706 1.73 1.19 22.25
C ALA A 706 2.75 0.30 21.55
N ALA A 707 2.34 -0.34 20.44
CA ALA A 707 3.23 -1.21 19.69
C ALA A 707 4.35 -0.42 19.01
N GLU A 708 3.96 0.65 18.30
CA GLU A 708 4.92 1.52 17.64
C GLU A 708 5.88 2.16 18.65
N GLY A 709 5.34 2.55 19.81
CA GLY A 709 6.16 3.10 20.86
C GLY A 709 7.15 2.16 21.47
N LEU A 710 6.73 0.93 21.78
CA LEU A 710 7.65 -0.02 22.38
C LEU A 710 8.71 -0.47 21.38
N CYS A 711 8.35 -0.53 20.09
CA CYS A 711 9.35 -0.85 19.09
C CYS A 711 10.35 0.29 18.89
N LYS A 712 9.86 1.53 18.91
CA LYS A 712 10.76 2.68 18.81
C LYS A 712 11.67 2.79 20.02
N LEU A 713 11.19 2.40 21.19
CA LEU A 713 12.04 2.45 22.37
C LEU A 713 13.00 1.27 22.42
N PHE A 714 12.64 0.14 21.81
CA PHE A 714 13.60 -0.95 21.66
C PHE A 714 14.71 -0.59 20.69
N LEU A 715 14.39 0.10 19.60
CA LEU A 715 15.40 0.57 18.67
C LEU A 715 16.36 1.56 19.29
N ALA A 716 15.85 2.41 20.18
CA ALA A 716 16.71 3.40 20.84
C ALA A 716 17.44 2.83 22.04
N ASP A 717 17.26 1.54 22.33
CA ASP A 717 17.97 0.77 23.35
C ASP A 717 17.77 1.32 24.76
N VAL A 718 16.68 2.02 25.01
CA VAL A 718 16.34 2.40 26.37
C VAL A 718 15.51 1.33 27.04
N PHE A 719 14.98 0.39 26.27
CA PHE A 719 14.27 -0.76 26.80
C PHE A 719 15.06 -2.03 26.54
N THR A 720 15.59 -2.62 27.61
CA THR A 720 16.37 -3.84 27.49
C THR A 720 15.70 -5.05 28.12
N ASP A 721 14.41 -4.99 28.41
CA ASP A 721 13.73 -6.09 29.09
C ASP A 721 13.39 -7.21 28.10
N ASP A 722 13.23 -8.42 28.62
CA ASP A 722 13.14 -9.61 27.77
C ASP A 722 11.71 -10.07 27.58
N ASP A 723 10.94 -10.13 28.68
CA ASP A 723 9.57 -10.61 28.63
C ASP A 723 8.68 -9.66 27.84
N LEU A 724 9.03 -8.37 27.84
CA LEU A 724 8.26 -7.41 27.07
C LEU A 724 8.48 -7.60 25.57
N PHE A 725 9.70 -7.98 25.17
CA PHE A 725 9.92 -8.30 23.76
C PHE A 725 9.22 -9.60 23.39
N GLU A 726 9.18 -10.55 24.32
CA GLU A 726 8.44 -11.79 24.09
C GLU A 726 6.95 -11.51 23.89
N THR A 727 6.39 -10.60 24.70
CA THR A 727 4.99 -10.26 24.53
C THR A 727 4.73 -9.43 23.29
N LEU A 728 5.72 -8.64 22.83
CA LEU A 728 5.56 -7.92 21.57
C LEU A 728 5.49 -8.89 20.39
N VAL A 729 6.38 -9.88 20.35
CA VAL A 729 6.35 -10.79 19.21
C VAL A 729 5.13 -11.71 19.29
N LEU A 730 4.69 -12.08 20.49
CA LEU A 730 3.44 -12.81 20.62
C LEU A 730 2.25 -11.97 20.18
N SER A 731 2.25 -10.68 20.52
CA SER A 731 1.17 -9.79 20.10
C SER A 731 1.20 -9.53 18.60
N TYR A 732 2.36 -9.67 17.97
CA TYR A 732 2.39 -9.75 16.52
C TYR A 732 1.74 -11.04 16.04
N PHE A 733 1.98 -12.14 16.73
CA PHE A 733 1.52 -13.42 16.23
C PHE A 733 0.25 -13.93 16.92
N SER A 734 -0.36 -13.16 17.81
CA SER A 734 -1.57 -13.62 18.48
C SER A 734 -2.75 -13.52 17.51
N PRO A 735 -3.83 -14.29 17.72
CA PRO A 735 -5.00 -14.11 16.86
C PRO A 735 -5.97 -13.06 17.37
N ILE A 736 -5.87 -12.65 18.64
CA ILE A 736 -6.77 -11.63 19.15
C ILE A 736 -6.36 -10.24 18.69
N ASN A 737 -5.09 -10.04 18.35
CA ASN A 737 -4.62 -8.79 17.78
C ASN A 737 -4.48 -8.84 16.26
N SER A 738 -5.33 -9.62 15.58
CA SER A 738 -5.19 -9.78 14.15
C SER A 738 -6.09 -8.84 13.37
N SER A 739 -6.87 -8.00 14.04
CA SER A 739 -7.71 -7.03 13.35
C SER A 739 -7.10 -5.63 13.35
N ASN A 740 -6.17 -5.34 14.26
CA ASN A 740 -5.42 -4.09 14.22
C ASN A 740 -4.46 -4.20 13.04
N GLU A 741 -4.87 -3.59 11.93
CA GLU A 741 -4.01 -3.60 10.75
C GLU A 741 -2.78 -2.73 10.96
N ALA A 742 -2.95 -1.63 11.69
CA ALA A 742 -1.83 -0.73 11.93
C ALA A 742 -0.82 -1.33 12.90
N LEU A 743 -1.27 -2.13 13.87
CA LEU A 743 -0.32 -2.84 14.73
C LEU A 743 0.43 -3.92 13.96
N VAL A 744 -0.24 -4.53 12.98
CA VAL A 744 0.40 -5.53 12.13
C VAL A 744 1.48 -4.90 11.28
N GLN A 745 1.21 -3.71 10.70
CA GLN A 745 2.24 -3.03 9.92
C GLN A 745 3.35 -2.47 10.81
N ALA A 746 3.00 -2.06 12.04
CA ALA A 746 4.00 -1.58 12.98
C ALA A 746 4.99 -2.67 13.34
N PHE A 747 4.48 -3.88 13.58
CA PHE A 747 5.35 -4.99 13.87
C PHE A 747 5.97 -5.55 12.60
N ALA A 748 5.41 -5.24 11.43
CA ALA A 748 5.98 -5.70 10.18
C ALA A 748 7.21 -4.90 9.81
N PHE A 749 7.23 -3.63 10.16
CA PHE A 749 8.40 -2.83 9.87
C PHE A 749 9.39 -2.82 11.02
N CYS A 750 8.92 -2.71 12.26
CA CYS A 750 9.85 -2.27 13.27
C CYS A 750 10.42 -3.41 14.12
N ILE A 751 9.99 -4.65 13.87
CA ILE A 751 10.72 -5.84 14.34
C ILE A 751 11.86 -6.25 13.40
N PRO A 752 11.74 -6.22 12.05
CA PRO A 752 12.94 -6.49 11.23
C PRO A 752 14.06 -5.48 11.39
N VAL A 753 13.74 -4.21 11.62
CA VAL A 753 14.74 -3.16 11.76
C VAL A 753 15.35 -3.24 13.15
N TYR A 754 14.74 -4.04 14.03
CA TYR A 754 15.39 -4.32 15.30
C TYR A 754 16.57 -5.26 15.12
N CYS A 755 16.29 -6.47 14.62
CA CYS A 755 17.30 -7.53 14.60
C CYS A 755 18.30 -7.34 13.46
N PHE A 756 17.89 -6.62 12.40
CA PHE A 756 18.82 -6.41 11.29
C PHE A 756 19.85 -5.34 11.59
N SER A 757 19.52 -4.36 12.42
CA SER A 757 20.40 -3.23 12.64
C SER A 757 21.55 -3.53 13.58
N HIS A 758 21.44 -4.58 14.38
CA HIS A 758 22.49 -4.88 15.35
C HIS A 758 22.53 -6.38 15.61
N PRO A 759 23.71 -6.97 15.79
CA PRO A 759 23.78 -8.41 16.07
C PRO A 759 23.24 -8.81 17.43
N ALA A 760 23.42 -7.97 18.46
CA ALA A 760 22.93 -8.31 19.80
C ALA A 760 21.41 -8.31 19.86
N HIS A 761 20.76 -7.48 19.03
CA HIS A 761 19.31 -7.51 18.92
C HIS A 761 18.84 -8.83 18.34
N GLN A 762 19.57 -9.37 17.37
CA GLN A 762 19.25 -10.67 16.82
C GLN A 762 19.51 -11.78 17.84
N GLN A 763 20.52 -11.62 18.69
CA GLN A 763 20.75 -12.57 19.78
C GLN A 763 19.57 -12.57 20.75
N ARG A 764 19.01 -11.38 21.01
CA ARG A 764 17.86 -11.28 21.88
C ARG A 764 16.63 -11.94 21.27
N MET A 765 16.43 -11.74 19.96
CA MET A 765 15.34 -12.40 19.24
C MET A 765 15.49 -13.92 19.28
N SER A 766 16.73 -14.40 19.16
CA SER A 766 16.97 -15.84 19.19
C SER A 766 16.76 -16.42 20.59
N ARG A 767 16.98 -15.61 21.63
CA ARG A 767 16.69 -16.08 22.98
C ARG A 767 15.19 -16.10 23.27
N THR A 768 14.42 -15.21 22.63
CA THR A 768 12.98 -15.21 22.88
C THR A 768 12.21 -16.21 22.02
N ALA A 769 12.74 -16.51 20.83
CA ALA A 769 11.99 -17.22 19.81
C ALA A 769 11.60 -18.64 20.19
N ALA A 770 12.34 -19.25 21.12
CA ALA A 770 12.03 -20.60 21.58
C ALA A 770 10.68 -20.66 22.29
N ASP A 771 10.52 -19.86 23.35
CA ASP A 771 9.25 -19.86 24.07
C ASP A 771 8.15 -19.17 23.27
N ILE A 772 8.52 -18.29 22.32
CA ILE A 772 7.53 -17.76 21.40
C ILE A 772 6.92 -18.88 20.57
N LEU A 773 7.76 -19.76 20.03
CA LEU A 773 7.25 -20.86 19.21
C LEU A 773 6.48 -21.87 20.05
N LEU A 774 6.88 -22.05 21.32
CA LEU A 774 6.14 -22.95 22.21
C LEU A 774 4.73 -22.44 22.49
N ARG A 775 4.62 -21.17 22.94
CA ARG A 775 3.30 -20.60 23.24
C ARG A 775 2.45 -20.48 21.99
N LEU A 776 3.08 -20.23 20.85
CA LEU A 776 2.34 -20.15 19.60
C LEU A 776 1.80 -21.50 19.18
N CYS A 777 2.58 -22.57 19.36
CA CYS A 777 2.11 -23.89 18.96
C CYS A 777 1.00 -24.38 19.89
N VAL A 778 1.09 -24.02 21.18
CA VAL A 778 0.00 -24.31 22.12
C VAL A 778 -1.27 -23.58 21.72
N LEU A 779 -1.15 -22.30 21.35
CA LEU A 779 -2.32 -21.52 20.95
C LEU A 779 -2.92 -22.05 19.66
N TRP A 780 -2.09 -22.52 18.72
CA TRP A 780 -2.64 -23.05 17.48
C TRP A 780 -3.31 -24.39 17.69
N ASP A 781 -2.79 -25.21 18.62
CA ASP A 781 -3.44 -26.47 18.94
C ASP A 781 -4.80 -26.24 19.58
N ASP A 782 -4.87 -25.28 20.50
CA ASP A 782 -6.12 -25.02 21.19
C ASP A 782 -7.09 -24.24 20.31
N LEU A 783 -6.60 -23.64 19.22
CA LEU A 783 -7.50 -23.01 18.26
C LEU A 783 -7.97 -24.03 17.23
N GLN A 784 -7.12 -25.01 16.92
CA GLN A 784 -7.48 -25.98 15.88
C GLN A 784 -8.40 -27.06 16.43
N SER A 785 -8.27 -27.40 17.70
CA SER A 785 -9.18 -28.39 18.29
C SER A 785 -10.34 -27.76 19.04
N SER A 786 -10.64 -26.48 18.79
CA SER A 786 -11.73 -25.81 19.48
C SER A 786 -13.06 -26.10 18.79
N VAL A 787 -14.11 -26.21 19.61
CA VAL A 787 -15.44 -26.53 19.09
C VAL A 787 -16.40 -25.36 19.31
N ILE A 788 -16.52 -24.51 18.29
CA ILE A 788 -17.45 -23.38 18.28
C ILE A 788 -18.07 -23.43 16.88
N PRO A 789 -19.37 -23.12 16.71
CA PRO A 789 -19.92 -23.01 15.34
C PRO A 789 -19.27 -21.92 14.49
N GLU A 790 -18.72 -20.86 15.10
CA GLU A 790 -17.94 -19.85 14.38
C GLU A 790 -16.64 -19.66 15.18
N VAL A 791 -15.65 -20.50 14.87
CA VAL A 791 -14.40 -20.52 15.63
C VAL A 791 -13.51 -19.31 15.37
N ASP A 792 -13.57 -18.74 14.16
CA ASP A 792 -12.65 -17.70 13.69
C ASP A 792 -11.19 -18.14 13.85
N ARG A 793 -10.83 -19.24 13.17
CA ARG A 793 -9.44 -19.65 13.13
C ARG A 793 -8.72 -18.93 12.00
N GLU A 794 -7.48 -19.37 11.74
CA GLU A 794 -6.61 -18.92 10.64
C GLU A 794 -6.21 -17.44 10.74
N ALA A 795 -6.54 -16.77 11.85
CA ALA A 795 -5.91 -15.49 12.14
C ALA A 795 -4.44 -15.68 12.45
N MET A 796 -4.12 -16.69 13.25
CA MET A 796 -2.75 -17.11 13.41
C MET A 796 -2.25 -17.74 12.11
N LEU A 797 -0.98 -17.51 11.81
CA LEU A 797 -0.35 -18.20 10.69
C LEU A 797 -0.20 -19.67 11.03
N LYS A 798 -0.09 -20.50 10.00
CA LYS A 798 0.37 -21.86 10.22
C LYS A 798 1.83 -21.82 10.67
N PRO A 799 2.22 -22.62 11.66
CA PRO A 799 3.56 -22.46 12.27
C PRO A 799 4.74 -22.81 11.37
N ASN A 800 4.52 -23.31 10.16
CA ASN A 800 5.64 -23.44 9.22
C ASN A 800 6.11 -22.06 8.74
N ILE A 801 5.17 -21.17 8.42
CA ILE A 801 5.54 -19.83 7.97
C ILE A 801 6.03 -19.01 9.15
N ILE A 802 5.53 -19.30 10.35
CA ILE A 802 6.04 -18.66 11.56
C ILE A 802 7.48 -19.09 11.82
N PHE A 803 7.78 -20.38 11.62
CA PHE A 803 9.15 -20.86 11.78
C PHE A 803 10.08 -20.30 10.71
N GLN A 804 9.58 -20.15 9.49
CA GLN A 804 10.37 -19.54 8.41
C GLN A 804 10.70 -18.09 8.71
N GLN A 805 9.71 -17.32 9.18
CA GLN A 805 9.97 -15.91 9.44
C GLN A 805 10.80 -15.73 10.70
N LEU A 806 10.69 -16.66 11.65
CA LEU A 806 11.56 -16.62 12.81
C LEU A 806 13.01 -16.91 12.43
N LEU A 807 13.22 -17.85 11.50
CA LEU A 807 14.54 -18.07 10.92
C LEU A 807 15.03 -16.83 10.19
N PHE A 808 14.14 -16.17 9.44
CA PHE A 808 14.55 -15.05 8.60
C PHE A 808 14.91 -13.83 9.42
N TRP A 809 14.23 -13.61 10.54
CA TRP A 809 14.70 -12.58 11.45
C TRP A 809 15.97 -13.02 12.17
N THR A 810 16.11 -14.31 12.47
CA THR A 810 17.27 -14.77 13.20
C THR A 810 18.38 -15.34 12.30
N ASP A 811 18.54 -14.80 11.09
CA ASP A 811 19.54 -15.27 10.13
C ASP A 811 20.68 -14.26 10.16
N PRO A 812 21.92 -14.70 10.39
CA PRO A 812 23.02 -13.73 10.49
C PRO A 812 23.60 -13.30 9.16
N ARG A 813 23.01 -13.69 8.03
CA ARG A 813 23.45 -13.10 6.75
C ARG A 813 22.94 -11.68 6.59
N ASN A 814 21.69 -11.42 6.97
CA ASN A 814 21.01 -10.20 6.61
C ASN A 814 21.28 -9.04 7.57
N LEU A 815 22.32 -9.12 8.40
CA LEU A 815 22.70 -7.98 9.22
C LEU A 815 23.16 -6.83 8.33
N VAL A 816 22.84 -5.61 8.75
CA VAL A 816 23.09 -4.47 7.92
C VAL A 816 24.54 -4.01 8.01
N ASN A 817 25.30 -4.55 8.96
CA ASN A 817 26.68 -4.13 9.16
C ASN A 817 27.61 -4.78 8.14
N GLN A 818 28.79 -4.18 8.00
CA GLN A 818 29.84 -4.61 7.08
C GLN A 818 30.83 -5.53 7.79
N THR A 819 30.30 -6.56 8.47
CA THR A 819 31.02 -7.20 9.57
C THR A 819 32.19 -8.07 9.13
N GLY A 820 31.95 -9.13 8.38
CA GLY A 820 32.99 -10.11 8.15
C GLY A 820 33.02 -11.18 9.23
N SER A 821 32.96 -10.76 10.50
CA SER A 821 32.83 -11.69 11.62
C SER A 821 31.45 -12.33 11.70
N THR A 822 30.46 -11.81 10.96
CA THR A 822 29.09 -12.31 11.04
C THR A 822 28.93 -13.69 10.42
N LYS A 823 29.95 -14.18 9.71
CA LYS A 823 29.95 -15.56 9.25
C LYS A 823 30.41 -16.54 10.32
N LYS A 824 30.74 -16.05 11.52
CA LYS A 824 31.12 -16.91 12.63
C LYS A 824 30.18 -16.76 13.82
N ASP A 825 28.96 -16.28 13.60
CA ASP A 825 27.99 -16.14 14.69
C ASP A 825 27.09 -17.36 14.75
N THR A 826 26.81 -17.82 15.96
CA THR A 826 26.09 -19.07 16.16
C THR A 826 24.64 -18.86 16.62
N VAL A 827 23.94 -17.84 16.12
CA VAL A 827 22.66 -17.48 16.70
C VAL A 827 21.51 -18.28 16.05
N GLN A 828 21.60 -18.52 14.74
CA GLN A 828 20.55 -19.28 14.06
C GLN A 828 20.58 -20.74 14.45
N LEU A 829 21.79 -21.29 14.62
CA LEU A 829 21.92 -22.67 15.09
C LEU A 829 21.48 -22.80 16.54
N THR A 830 21.64 -21.73 17.33
CA THR A 830 21.17 -21.78 18.72
C THR A 830 19.66 -21.76 18.77
N PHE A 831 19.04 -20.99 17.86
CA PHE A 831 17.59 -21.01 17.74
C PHE A 831 17.08 -22.38 17.30
N LEU A 832 17.80 -23.02 16.38
CA LEU A 832 17.39 -24.35 15.91
C LEU A 832 17.56 -25.40 17.00
N ILE A 833 18.61 -25.26 17.82
CA ILE A 833 18.83 -26.18 18.94
C ILE A 833 17.75 -26.01 19.99
N ASP A 834 17.34 -24.77 20.24
CA ASP A 834 16.24 -24.52 21.19
C ASP A 834 14.90 -25.04 20.66
N VAL A 835 14.68 -24.93 19.35
CA VAL A 835 13.47 -25.47 18.76
C VAL A 835 13.45 -27.00 18.85
N LEU A 836 14.61 -27.64 18.63
CA LEU A 836 14.67 -29.09 18.78
C LEU A 836 14.58 -29.52 20.24
N LYS A 837 14.94 -28.65 21.18
CA LYS A 837 14.69 -28.94 22.60
C LYS A 837 13.19 -28.91 22.89
N ILE A 838 12.50 -27.89 22.39
CA ILE A 838 11.07 -27.70 22.68
C ILE A 838 10.21 -28.63 21.82
N TYR A 839 10.82 -29.26 20.80
CA TYR A 839 10.14 -30.19 19.90
C TYR A 839 9.52 -31.38 20.64
N ALA A 840 10.08 -31.75 21.78
CA ALA A 840 9.47 -32.79 22.60
C ALA A 840 8.45 -32.24 23.60
N GLN A 841 7.87 -31.07 23.36
CA GLN A 841 6.89 -30.49 24.27
C GLN A 841 5.57 -30.16 23.59
N ILE A 842 5.31 -30.69 22.40
CA ILE A 842 4.02 -30.49 21.74
C ILE A 842 3.32 -31.84 21.62
N GLU A 843 2.00 -31.80 21.48
CA GLU A 843 1.17 -33.00 21.41
C GLU A 843 0.67 -33.28 20.00
N LYS A 844 0.45 -32.25 19.19
CA LYS A 844 -0.11 -32.35 17.85
C LYS A 844 0.88 -33.08 16.95
N LYS A 845 0.34 -33.79 15.94
CA LYS A 845 1.18 -34.57 15.05
C LYS A 845 1.47 -33.84 13.75
N GLU A 846 0.82 -32.70 13.54
CA GLU A 846 1.14 -31.90 12.36
C GLU A 846 2.18 -30.83 12.67
N ILE A 847 2.20 -30.36 13.93
CA ILE A 847 3.13 -29.34 14.39
C ILE A 847 4.57 -29.84 14.26
N LYS A 848 4.80 -31.08 14.64
CA LYS A 848 6.13 -31.69 14.51
C LYS A 848 6.53 -31.80 13.04
N LYS A 849 5.57 -32.03 12.16
CA LYS A 849 5.87 -32.14 10.73
C LYS A 849 6.30 -30.79 10.17
N MET A 850 5.57 -29.73 10.48
CA MET A 850 5.95 -28.43 9.92
C MET A 850 7.03 -27.73 10.75
N ILE A 851 7.51 -28.34 11.82
CA ILE A 851 8.74 -27.87 12.45
C ILE A 851 9.93 -28.59 11.82
N ILE A 852 9.83 -29.91 11.65
CA ILE A 852 10.95 -30.70 11.16
C ILE A 852 11.19 -30.50 9.67
N THR A 853 10.16 -30.22 8.88
CA THR A 853 10.39 -30.07 7.44
C THR A 853 11.07 -28.75 7.07
N ASN A 854 11.27 -27.83 8.01
CA ASN A 854 11.85 -26.53 7.71
C ASN A 854 13.16 -26.24 8.43
N ILE A 855 13.84 -27.24 8.97
CA ILE A 855 15.07 -26.93 9.71
C ILE A 855 16.25 -26.79 8.77
N ASN A 856 16.08 -27.10 7.49
CA ASN A 856 17.18 -27.08 6.55
C ASN A 856 17.44 -25.71 5.92
N ALA A 857 16.83 -24.65 6.43
CA ALA A 857 17.11 -23.32 5.89
C ALA A 857 18.18 -22.60 6.67
N ILE A 858 18.88 -23.29 7.57
CA ILE A 858 19.81 -22.62 8.47
C ILE A 858 21.10 -22.26 7.75
N PHE A 859 21.92 -21.44 8.41
CA PHE A 859 23.19 -20.99 7.87
C PHE A 859 24.26 -22.06 8.06
N LEU A 860 24.79 -22.58 6.95
CA LEU A 860 25.69 -23.71 6.94
C LEU A 860 26.91 -23.39 6.09
N SER A 861 28.01 -23.00 6.75
CA SER A 861 29.20 -22.64 5.98
C SER A 861 30.51 -23.13 6.60
N SER A 862 30.46 -23.94 7.66
CA SER A 862 31.59 -24.54 8.36
C SER A 862 32.55 -23.53 8.99
N GLU A 863 32.17 -22.25 9.07
CA GLU A 863 32.90 -21.28 9.87
C GLU A 863 32.33 -21.15 11.27
N GLN A 864 31.61 -22.16 11.75
CA GLN A 864 30.93 -22.08 13.02
C GLN A 864 31.72 -22.78 14.11
N ASP A 865 31.24 -22.67 15.34
CA ASP A 865 31.97 -23.23 16.47
C ASP A 865 31.73 -24.74 16.55
N TYR A 866 32.60 -25.42 17.29
CA TYR A 866 32.51 -26.87 17.47
C TYR A 866 31.24 -27.27 18.21
N SER A 867 30.94 -26.58 19.31
CA SER A 867 29.87 -27.03 20.21
C SER A 867 28.48 -26.75 19.62
N THR A 868 28.36 -25.68 18.83
CA THR A 868 27.05 -25.34 18.26
C THR A 868 26.73 -26.25 17.08
N LEU A 869 27.72 -26.99 16.59
CA LEU A 869 27.42 -28.09 15.68
C LEU A 869 27.25 -29.40 16.44
N LYS A 870 27.93 -29.53 17.59
CA LYS A 870 27.89 -30.78 18.33
C LYS A 870 26.53 -31.02 18.99
N GLU A 871 25.96 -29.97 19.59
CA GLU A 871 24.66 -30.11 20.24
C GLU A 871 23.56 -30.34 19.23
N LEU A 872 23.65 -29.71 18.05
CA LEU A 872 22.69 -29.95 17.00
C LEU A 872 22.81 -31.36 16.45
N LEU A 873 24.04 -31.87 16.33
CA LEU A 873 24.24 -33.25 15.89
C LEU A 873 23.66 -34.25 16.89
N GLU A 874 23.83 -33.98 18.19
CA GLU A 874 23.30 -34.87 19.22
C GLU A 874 21.78 -34.85 19.25
N TYR A 875 21.18 -33.65 19.14
CA TYR A 875 19.73 -33.56 19.19
C TYR A 875 19.08 -34.13 17.93
N SER A 876 19.70 -33.93 16.77
CA SER A 876 19.17 -34.53 15.55
C SER A 876 19.34 -36.04 15.56
N ASP A 877 20.42 -36.53 16.18
CA ASP A 877 20.59 -37.97 16.38
C ASP A 877 19.50 -38.55 17.26
N ASP A 878 19.24 -37.89 18.39
CA ASP A 878 18.26 -38.39 19.35
C ASP A 878 16.85 -38.35 18.76
N ILE A 879 16.54 -37.33 17.97
CA ILE A 879 15.21 -37.20 17.41
C ILE A 879 15.03 -38.15 16.23
N ALA A 880 16.08 -38.36 15.43
CA ALA A 880 15.98 -39.28 14.30
C ALA A 880 15.89 -40.73 14.76
N GLU A 881 16.60 -41.09 15.84
CA GLU A 881 16.58 -42.47 16.29
C GLU A 881 15.39 -42.75 17.19
N ASN A 882 15.29 -42.04 18.32
CA ASN A 882 14.43 -42.46 19.41
C ASN A 882 12.94 -42.25 19.15
N ASP A 883 12.55 -41.21 18.42
CA ASP A 883 11.14 -40.96 18.17
C ASP A 883 10.76 -41.42 16.77
N ASN A 884 9.51 -41.85 16.62
CA ASN A 884 9.00 -42.35 15.34
C ASN A 884 8.50 -41.18 14.49
N LEU A 885 9.13 -41.03 13.34
CA LEU A 885 8.80 -39.94 12.44
C LEU A 885 8.42 -40.48 11.06
N ASP A 886 7.60 -39.74 10.33
CA ASP A 886 7.24 -40.16 9.00
C ASP A 886 8.35 -39.83 8.01
N ASN A 887 8.16 -40.24 6.76
CA ASN A 887 9.26 -40.23 5.81
C ASN A 887 9.49 -38.84 5.23
N VAL A 888 8.42 -38.03 5.12
CA VAL A 888 8.58 -36.68 4.56
C VAL A 888 9.21 -35.74 5.59
N SER A 889 9.23 -36.15 6.86
CA SER A 889 10.00 -35.45 7.89
C SER A 889 11.40 -36.01 8.04
N LYS A 890 11.54 -37.34 7.91
CA LYS A 890 12.84 -37.96 8.06
C LYS A 890 13.76 -37.64 6.89
N ASN A 891 13.18 -37.32 5.72
CA ASN A 891 13.94 -36.74 4.61
C ASN A 891 14.69 -35.49 5.00
N ALA A 892 13.98 -34.48 5.51
CA ALA A 892 14.62 -33.23 5.87
C ALA A 892 15.52 -33.38 7.08
N LEU A 893 15.14 -34.25 8.02
CA LEU A 893 15.94 -34.41 9.23
C LEU A 893 17.25 -35.13 8.93
N ASP A 894 17.22 -36.20 8.14
CA ASP A 894 18.46 -36.87 7.79
C ASP A 894 19.21 -36.14 6.69
N LYS A 895 18.55 -35.23 5.95
CA LYS A 895 19.28 -34.35 5.05
C LYS A 895 20.10 -33.33 5.85
N LEU A 896 19.52 -32.82 6.94
CA LEU A 896 20.31 -31.99 7.85
C LEU A 896 21.39 -32.81 8.52
N ARG A 897 21.14 -34.10 8.77
CA ARG A 897 22.18 -34.98 9.29
C ARG A 897 23.33 -35.15 8.30
N ASN A 898 23.00 -35.28 7.01
CA ASN A 898 24.03 -35.43 5.98
C ASN A 898 24.85 -34.15 5.81
N ASN A 899 24.18 -32.99 5.80
CA ASN A 899 24.89 -31.73 5.68
C ASN A 899 25.74 -31.44 6.90
N LEU A 900 25.21 -31.76 8.09
CA LEU A 900 25.96 -31.57 9.33
C LEU A 900 27.14 -32.53 9.41
N ASN A 901 26.99 -33.75 8.88
CA ASN A 901 28.09 -34.70 8.90
C ASN A 901 29.18 -34.31 7.90
N SER A 902 28.78 -33.78 6.75
CA SER A 902 29.76 -33.28 5.78
C SER A 902 30.52 -32.08 6.32
N LEU A 903 29.81 -31.15 6.95
CA LEU A 903 30.47 -29.99 7.52
C LEU A 903 31.30 -30.33 8.75
N ILE A 904 30.88 -31.34 9.54
CA ILE A 904 31.71 -31.72 10.67
C ILE A 904 32.93 -32.52 10.20
N GLU A 905 32.84 -33.18 9.04
CA GLU A 905 34.03 -33.81 8.46
C GLU A 905 35.00 -32.78 7.94
N GLU A 906 34.47 -31.69 7.36
CA GLU A 906 35.32 -30.57 6.95
C GLU A 906 35.94 -29.89 8.15
N ILE A 907 35.21 -29.85 9.27
CA ILE A 907 35.73 -29.26 10.49
C ILE A 907 36.87 -30.09 11.07
N ASN A 908 36.69 -31.42 11.17
CA ASN A 908 37.75 -32.21 11.78
C ASN A 908 38.66 -32.90 10.77
N GLU A 909 38.71 -32.43 9.52
CA GLU A 909 39.76 -32.89 8.62
C GLU A 909 40.99 -32.00 8.71
N ARG A 910 40.83 -30.79 9.24
CA ARG A 910 41.93 -29.87 9.41
C ARG A 910 42.58 -30.06 10.77
N PHE B 386 24.08 4.95 12.33
CA PHE B 386 22.80 5.46 12.82
C PHE B 386 22.39 6.71 12.04
N GLU B 387 22.67 6.71 10.75
CA GLU B 387 22.50 7.91 9.93
C GLU B 387 21.85 7.55 8.60
N LYS B 388 21.90 8.49 7.63
CA LYS B 388 21.08 8.46 6.42
C LYS B 388 21.27 7.22 5.57
N ASP B 389 22.47 6.63 5.58
CA ASP B 389 22.74 5.46 4.75
C ASP B 389 21.97 4.24 5.23
N LEU B 390 21.99 4.01 6.55
CA LEU B 390 21.32 2.85 7.13
C LEU B 390 19.79 3.00 7.02
N MET B 391 19.29 4.21 7.28
CA MET B 391 17.86 4.49 7.20
C MET B 391 17.36 4.35 5.77
N ALA B 392 18.13 4.84 4.80
CA ALA B 392 17.76 4.69 3.41
C ALA B 392 17.87 3.25 2.95
N TYR B 393 18.82 2.49 3.49
CA TYR B 393 18.96 1.08 3.13
C TYR B 393 17.76 0.28 3.61
N PHE B 394 17.32 0.54 4.85
CA PHE B 394 16.09 -0.09 5.33
C PHE B 394 14.87 0.38 4.55
N ASP B 395 14.81 1.67 4.23
CA ASP B 395 13.69 2.26 3.50
C ASP B 395 13.64 1.81 2.04
N GLU B 396 14.72 1.24 1.51
CA GLU B 396 14.68 0.68 0.18
C GLU B 396 14.60 -0.84 0.14
N ASN B 397 14.95 -1.54 1.23
CA ASN B 397 14.85 -2.99 1.20
C ASN B 397 13.54 -3.48 1.84
N LEU B 398 13.17 -2.93 3.00
CA LEU B 398 11.90 -3.31 3.62
C LEU B 398 10.73 -2.49 3.10
N ASN B 399 10.85 -1.87 1.94
CA ASN B 399 9.74 -1.11 1.38
C ASN B 399 8.78 -2.01 0.63
N ARG B 400 9.12 -3.29 0.47
CA ARG B 400 8.21 -4.31 -0.01
C ARG B 400 7.93 -5.37 1.05
N ASN B 401 8.08 -5.01 2.33
CA ASN B 401 7.91 -5.90 3.46
C ASN B 401 7.02 -5.23 4.49
N TRP B 402 5.86 -4.73 4.06
CA TRP B 402 5.03 -3.93 4.94
C TRP B 402 3.66 -4.53 5.19
N ARG B 403 3.27 -5.54 4.41
CA ARG B 403 1.91 -6.06 4.53
C ARG B 403 1.69 -6.90 5.77
N GLY B 404 2.74 -7.40 6.40
CA GLY B 404 2.57 -7.98 7.71
C GLY B 404 2.90 -9.44 7.88
N ARG B 405 1.90 -10.21 8.28
CA ARG B 405 2.12 -11.59 8.72
C ARG B 405 2.49 -12.49 7.56
N GLU B 406 1.62 -12.60 6.57
CA GLU B 406 1.96 -13.25 5.32
C GLU B 406 2.71 -12.24 4.45
N HIS B 407 3.20 -12.73 3.31
CA HIS B 407 3.82 -11.95 2.25
C HIS B 407 5.06 -11.18 2.69
N TRP B 408 5.82 -11.70 3.66
CA TRP B 408 7.13 -11.14 3.89
C TRP B 408 8.10 -11.65 2.82
N LYS B 409 9.00 -10.77 2.39
CA LYS B 409 9.74 -10.96 1.17
C LYS B 409 11.23 -10.99 1.51
N VAL B 410 12.02 -11.60 0.62
CA VAL B 410 13.37 -12.08 0.93
C VAL B 410 14.34 -11.31 0.04
N ARG B 411 15.64 -11.67 0.10
CA ARG B 411 16.72 -11.18 -0.77
C ARG B 411 16.95 -9.66 -0.64
N ASN B 412 16.58 -9.13 0.53
CA ASN B 412 16.90 -7.74 0.89
C ASN B 412 18.41 -7.55 1.05
N VAL B 458 13.79 -22.66 -29.13
CA VAL B 458 14.04 -24.01 -28.63
C VAL B 458 13.06 -24.98 -29.29
N LEU B 459 11.76 -24.66 -29.21
CA LEU B 459 10.74 -25.53 -29.77
C LEU B 459 10.73 -25.44 -31.30
N GLU B 460 10.39 -24.26 -31.84
CA GLU B 460 10.53 -23.88 -33.24
C GLU B 460 9.83 -24.83 -34.21
N ILE B 461 8.69 -25.42 -33.81
CA ILE B 461 8.12 -26.47 -34.63
C ILE B 461 7.42 -25.86 -35.84
N ASP B 462 7.39 -26.63 -36.93
CA ASP B 462 6.87 -26.13 -38.20
C ASP B 462 5.81 -27.10 -38.71
N PHE B 463 5.31 -27.95 -37.82
CA PHE B 463 4.74 -29.25 -38.20
C PHE B 463 3.33 -29.15 -38.73
N PHE B 464 3.16 -28.98 -40.03
CA PHE B 464 1.84 -29.08 -40.64
C PHE B 464 1.89 -30.08 -41.80
N LYS B 465 1.81 -31.36 -41.44
CA LYS B 465 1.61 -32.46 -42.37
C LYS B 465 0.79 -33.55 -41.68
N THR B 466 0.16 -34.40 -42.50
CA THR B 466 -1.00 -35.15 -42.05
C THR B 466 -0.63 -36.32 -41.14
N ASP B 467 -1.60 -36.68 -40.29
CA ASP B 467 -1.60 -37.89 -39.49
C ASP B 467 -3.05 -38.16 -39.12
N ASP B 468 -3.40 -39.44 -38.98
CA ASP B 468 -4.82 -39.82 -38.94
C ASP B 468 -5.47 -39.56 -37.59
N SER B 469 -5.01 -40.24 -36.54
CA SER B 469 -5.73 -40.23 -35.27
C SER B 469 -5.01 -39.44 -34.18
N PHE B 470 -4.43 -38.29 -34.51
CA PHE B 470 -3.77 -37.47 -33.50
C PHE B 470 -4.76 -36.80 -32.57
N GLU B 471 -6.00 -36.57 -33.04
CA GLU B 471 -6.94 -35.66 -32.38
C GLU B 471 -7.37 -36.16 -31.00
N ASP B 472 -7.45 -37.48 -30.82
CA ASP B 472 -7.83 -38.04 -29.54
C ASP B 472 -6.76 -37.83 -28.47
N LYS B 473 -5.53 -37.49 -28.87
CA LYS B 473 -4.52 -37.15 -27.88
C LYS B 473 -4.73 -35.76 -27.32
N VAL B 474 -5.52 -34.92 -27.99
CA VAL B 474 -5.81 -33.59 -27.49
C VAL B 474 -7.30 -33.36 -27.25
N PHE B 475 -8.16 -34.29 -27.63
CA PHE B 475 -9.60 -34.19 -27.41
C PHE B 475 -10.04 -35.36 -26.52
N ALA B 476 -9.94 -35.16 -25.20
CA ALA B 476 -10.34 -36.18 -24.25
C ALA B 476 -10.94 -35.50 -23.02
N SER B 477 -11.71 -36.27 -22.26
CA SER B 477 -12.33 -35.71 -21.08
C SER B 477 -11.34 -35.67 -19.92
N LYS B 478 -11.84 -35.24 -18.75
CA LYS B 478 -10.96 -34.93 -17.64
C LYS B 478 -10.35 -36.18 -17.00
N GLY B 479 -11.08 -37.30 -17.02
CA GLY B 479 -10.56 -38.57 -16.49
C GLY B 479 -10.29 -38.50 -15.01
N ARG B 480 -8.99 -38.54 -14.67
CA ARG B 480 -8.58 -38.33 -13.30
C ARG B 480 -7.82 -37.01 -13.13
N THR B 481 -7.60 -36.29 -14.22
CA THR B 481 -6.94 -34.98 -14.17
C THR B 481 -8.00 -33.93 -13.88
N LYS B 482 -7.97 -33.39 -12.67
CA LYS B 482 -8.94 -32.37 -12.26
C LYS B 482 -8.47 -31.01 -12.77
N ILE B 483 -9.19 -30.47 -13.75
CA ILE B 483 -8.73 -29.28 -14.46
C ILE B 483 -9.30 -27.98 -13.90
N ASP B 484 -10.12 -28.05 -12.86
CA ASP B 484 -10.75 -26.86 -12.31
C ASP B 484 -10.14 -26.47 -10.97
N MET B 485 -10.72 -25.45 -10.37
CA MET B 485 -10.16 -24.84 -9.18
C MET B 485 -10.61 -25.59 -7.93
N PRO B 486 -9.85 -25.49 -6.83
CA PRO B 486 -10.39 -25.92 -5.55
C PRO B 486 -11.53 -25.01 -5.10
N ILE B 487 -12.49 -25.59 -4.38
CA ILE B 487 -13.61 -24.83 -3.85
C ILE B 487 -13.13 -23.84 -2.79
N LYS B 488 -12.09 -24.22 -2.04
CA LYS B 488 -11.62 -23.44 -0.90
C LYS B 488 -10.92 -22.15 -1.29
N ASN B 489 -10.69 -21.91 -2.58
CA ASN B 489 -10.07 -20.65 -3.01
C ASN B 489 -10.77 -20.01 -4.20
N ARG B 490 -11.99 -20.45 -4.54
CA ARG B 490 -12.74 -19.75 -5.59
C ARG B 490 -13.25 -18.40 -5.12
N LYS B 491 -13.45 -18.23 -3.82
CA LYS B 491 -13.78 -16.94 -3.24
C LYS B 491 -12.72 -16.59 -2.20
N ASN B 492 -12.55 -15.29 -1.96
CA ASN B 492 -11.64 -14.85 -0.90
C ASN B 492 -12.30 -13.68 -0.19
N ASP B 493 -12.03 -13.59 1.12
CA ASP B 493 -12.77 -12.65 1.97
C ASP B 493 -12.10 -11.29 2.07
N THR B 494 -10.78 -11.21 1.85
CA THR B 494 -10.13 -9.91 1.80
C THR B 494 -10.26 -9.26 0.43
N HIS B 495 -10.84 -9.99 -0.55
CA HIS B 495 -11.09 -9.54 -1.92
C HIS B 495 -9.82 -9.16 -2.66
N TYR B 496 -8.68 -9.68 -2.19
CA TYR B 496 -7.32 -9.36 -2.66
C TYR B 496 -7.07 -7.86 -2.71
N LEU B 497 -7.49 -7.18 -1.66
CA LEU B 497 -7.16 -5.77 -1.48
C LEU B 497 -5.88 -5.66 -0.68
N LEU B 498 -5.06 -4.70 -1.03
CA LEU B 498 -4.04 -4.27 -0.10
C LEU B 498 -4.74 -3.60 1.07
N PRO B 499 -4.23 -3.77 2.28
CA PRO B 499 -4.80 -3.05 3.42
C PRO B 499 -4.45 -1.58 3.36
N ASP B 500 -5.06 -0.82 4.27
CA ASP B 500 -4.76 0.61 4.35
C ASP B 500 -3.34 0.83 4.83
N ASP B 501 -2.62 1.68 4.13
CA ASP B 501 -1.17 1.74 4.26
C ASP B 501 -0.84 2.79 5.31
N PHE B 502 -0.86 2.37 6.57
CA PHE B 502 -0.16 3.10 7.61
C PHE B 502 1.31 2.91 7.28
N HIS B 503 1.99 4.02 6.99
CA HIS B 503 3.21 3.96 6.18
C HIS B 503 4.36 3.32 6.93
N PHE B 504 4.69 3.87 8.10
CA PHE B 504 5.75 3.37 8.99
C PHE B 504 7.11 3.30 8.29
N SER B 505 7.46 4.36 7.56
CA SER B 505 8.79 4.47 7.01
C SER B 505 9.76 4.90 8.10
N THR B 506 11.01 5.11 7.71
CA THR B 506 12.02 5.42 8.71
C THR B 506 11.90 6.85 9.21
N ASP B 507 11.20 7.73 8.48
CA ASP B 507 10.96 9.08 8.97
C ASP B 507 9.93 9.08 10.09
N ARG B 508 8.94 8.18 10.01
CA ARG B 508 7.93 8.11 11.05
C ARG B 508 8.46 7.38 12.28
N ILE B 509 9.50 6.56 12.10
CA ILE B 509 10.12 5.89 13.23
C ILE B 509 11.10 6.83 13.91
N THR B 510 11.83 7.64 13.13
CA THR B 510 12.87 8.45 13.75
C THR B 510 12.35 9.68 14.48
N ARG B 511 11.06 10.01 14.33
CA ARG B 511 10.54 11.22 14.95
C ARG B 511 9.54 10.89 16.06
N LEU B 512 9.30 11.87 16.92
CA LEU B 512 8.37 11.74 18.01
C LEU B 512 6.93 11.88 17.51
N PHE B 513 5.98 11.69 18.44
CA PHE B 513 4.58 11.79 18.06
C PHE B 513 4.03 13.20 18.30
N ILE B 514 4.31 13.77 19.48
CA ILE B 514 3.78 15.08 19.81
C ILE B 514 4.67 16.21 19.32
N LYS B 515 5.78 15.91 18.68
CA LYS B 515 6.66 16.91 18.08
C LYS B 515 7.20 16.35 16.78
N PRO B 516 6.54 16.62 15.65
CA PRO B 516 6.98 16.03 14.38
C PRO B 516 8.19 16.70 13.74
N ALA B 517 8.91 17.58 14.45
CA ALA B 517 10.07 18.21 13.87
C ALA B 517 11.35 17.90 14.63
N GLN B 518 11.34 16.87 15.48
CA GLN B 518 12.51 16.46 16.24
C GLN B 518 12.77 14.99 15.98
N LYS B 519 14.01 14.67 15.59
CA LYS B 519 14.45 13.30 15.43
C LYS B 519 15.30 12.91 16.62
N MET B 520 15.10 11.70 17.12
CA MET B 520 15.64 11.30 18.40
C MET B 520 17.04 10.70 18.26
N SER B 521 17.58 10.25 19.38
CA SER B 521 18.89 9.60 19.41
C SER B 521 18.74 8.16 18.90
N LEU B 522 18.77 8.04 17.58
CA LEU B 522 18.49 6.75 16.95
C LEU B 522 19.69 5.82 17.05
N PHE B 523 19.40 4.55 17.37
CA PHE B 523 20.38 3.47 17.55
C PHE B 523 21.47 3.81 18.57
N SER B 524 21.09 4.50 19.64
CA SER B 524 22.06 4.96 20.64
C SER B 524 22.12 4.00 21.81
#